data_5THZ
#
_entry.id   5THZ
#
_cell.length_a   46.124
_cell.length_b   129.131
_cell.length_c   63.076
_cell.angle_alpha   90.000
_cell.angle_beta   111.460
_cell.angle_gamma   90.000
#
_symmetry.space_group_name_H-M   'P 1 21 1'
#
loop_
_entity.id
_entity.type
_entity.pdbx_description
1 polymer CurJ
2 non-polymer S-ADENOSYL-L-HOMOCYSTEINE
3 non-polymer GLYCEROL
4 non-polymer 'CITRATE ANION'
5 water water
#
_entity_poly.entity_id   1
_entity_poly.type   'polypeptide(L)'
_entity_poly.pdbx_seq_one_letter_code
;MHHHHHHSSGVDLGTENLYFQSNALPPDFLLDPVEVSQQLAPSLTELVTLLDNARTSEIGTQLEELSVDYIVQGLLQMGW
SYQPTESFDLDAAAQCLGVVPTQVRLFERLLQILAEVGILQSNQQQWQVQKTAQKVNPSKQSQSLLSQYPDEAATLTLLE
RCASQLSGVLRGEIDPVQLVFPQGDLTTATQLYKDSAVAKVMNTIVEKVIMKAMEKLPPSRGIRLLEIGAGTGGTTSYIL
PHLNPNQTEYIFTDIGALFTSKAQEKFQDYRFLGYQTLDIEVDPSSQGFESHRYDVIIAANVLHATTSLKQTLSHVRQLL
APGGILVLYEATTRSRWVDLIFGLLEGWWKFTDYELRPDYPLLNREQWKKVLSETGFTQVVTLPEVEGMAEALSQQTVIV
AQAAS
;
_entity_poly.pdbx_strand_id   B,A
#
loop_
_chem_comp.id
_chem_comp.type
_chem_comp.name
_chem_comp.formula
FLC non-polymer 'CITRATE ANION' 'C6 H5 O7 -3'
GOL non-polymer GLYCEROL 'C3 H8 O3'
SAH non-polymer S-ADENOSYL-L-HOMOCYSTEINE 'C14 H20 N6 O5 S'
#
# COMPACT_ATOMS: atom_id res chain seq x y z
N TYR A 19 32.99 -21.10 -28.40
CA TYR A 19 31.74 -20.72 -27.73
C TYR A 19 31.53 -21.50 -26.45
N PHE A 20 31.20 -22.78 -26.58
CA PHE A 20 30.74 -23.55 -25.43
C PHE A 20 31.91 -23.98 -24.56
N GLN A 21 31.86 -23.58 -23.28
CA GLN A 21 32.59 -24.20 -22.18
C GLN A 21 31.59 -24.87 -21.27
N SER A 22 32.06 -25.82 -20.47
CA SER A 22 31.16 -26.63 -19.66
C SER A 22 30.40 -25.77 -18.65
N ASN A 23 29.08 -25.97 -18.57
CA ASN A 23 28.25 -25.25 -17.61
C ASN A 23 28.38 -25.81 -16.20
N ALA A 24 28.94 -27.02 -16.04
CA ALA A 24 29.15 -27.55 -14.70
C ALA A 24 30.20 -26.76 -13.94
N LEU A 25 31.09 -26.07 -14.64
CA LEU A 25 32.19 -25.36 -14.00
C LEU A 25 31.70 -24.04 -13.39
N PRO A 26 32.46 -23.47 -12.45
CA PRO A 26 31.96 -22.29 -11.71
C PRO A 26 31.72 -21.12 -12.66
N PRO A 27 30.84 -20.02 -12.17
CA PRO A 27 30.54 -18.85 -13.02
C PRO A 27 31.70 -17.86 -13.11
N ASP A 28 32.81 -18.30 -13.70
CA ASP A 28 33.98 -17.43 -13.86
C ASP A 28 33.65 -16.16 -14.62
N PHE A 29 32.60 -16.17 -15.44
CA PHE A 29 32.24 -15.03 -16.28
C PHE A 29 31.81 -13.80 -15.45
N LEU A 30 31.27 -14.01 -14.24
CA LEU A 30 30.77 -12.88 -13.45
C LEU A 30 31.88 -11.88 -13.19
N LEU A 31 31.58 -10.60 -13.41
CA LEU A 31 32.52 -9.57 -13.03
C LEU A 31 32.75 -9.59 -11.52
N ASP A 32 33.89 -9.04 -11.14
CA ASP A 32 34.24 -8.82 -9.74
C ASP A 32 33.40 -7.68 -9.17
N PRO A 33 32.94 -7.76 -7.91
CA PRO A 33 32.20 -6.61 -7.33
C PRO A 33 32.97 -5.29 -7.42
N VAL A 34 34.26 -5.29 -7.06
CA VAL A 34 35.08 -4.08 -7.21
C VAL A 34 35.06 -3.57 -8.64
N GLU A 35 35.20 -4.48 -9.61
CA GLU A 35 35.16 -4.09 -11.02
C GLU A 35 33.79 -3.56 -11.41
N VAL A 36 32.72 -4.21 -10.96
CA VAL A 36 31.38 -3.66 -11.14
C VAL A 36 31.28 -2.27 -10.56
N SER A 37 31.74 -2.09 -9.30
CA SER A 37 31.67 -0.79 -8.65
C SER A 37 32.42 0.29 -9.44
N GLN A 38 33.62 -0.04 -9.91
CA GLN A 38 34.37 0.91 -10.73
C GLN A 38 33.55 1.37 -11.94
N GLN A 39 33.01 0.43 -12.70
CA GLN A 39 32.31 0.76 -13.94
C GLN A 39 31.01 1.52 -13.68
N LEU A 40 30.29 1.21 -12.60
CA LEU A 40 29.06 1.97 -12.34
C LEU A 40 29.32 3.32 -11.68
N ALA A 41 30.56 3.59 -11.24
CA ALA A 41 30.85 4.80 -10.48
C ALA A 41 30.33 6.08 -11.10
N PRO A 42 30.49 6.34 -12.41
CA PRO A 42 29.91 7.59 -12.96
C PRO A 42 28.40 7.59 -12.94
N SER A 43 27.77 6.43 -13.13
CA SER A 43 26.32 6.36 -13.05
C SER A 43 25.82 6.66 -11.64
N LEU A 44 26.59 6.27 -10.61
CA LEU A 44 26.17 6.51 -9.23
C LEU A 44 26.33 7.98 -8.83
N THR A 45 27.35 8.65 -9.35
CA THR A 45 27.53 10.05 -9.00
C THR A 45 26.38 10.91 -9.53
N GLU A 46 25.76 10.50 -10.63
CA GLU A 46 24.59 11.21 -11.12
C GLU A 46 23.33 10.75 -10.40
N LEU A 47 23.30 9.49 -9.96
CA LEU A 47 22.11 8.93 -9.32
C LEU A 47 21.87 9.53 -7.93
N VAL A 48 22.94 9.78 -7.17
CA VAL A 48 22.75 10.26 -5.81
C VAL A 48 22.38 11.75 -5.77
N THR A 49 22.69 12.51 -6.82
CA THR A 49 22.27 13.91 -6.85
C THR A 49 20.78 14.07 -7.11
N LEU A 50 20.12 13.03 -7.63
CA LEU A 50 18.68 13.09 -7.80
C LEU A 50 17.94 13.10 -6.46
N LEU A 51 18.66 12.85 -5.37
CA LEU A 51 18.10 12.94 -4.03
C LEU A 51 18.19 14.37 -3.54
N ASP A 52 17.16 14.81 -2.84
CA ASP A 52 17.11 16.16 -2.29
C ASP A 52 17.81 16.16 -0.94
N ASN A 53 18.96 16.83 -0.86
CA ASN A 53 19.76 16.84 0.37
C ASN A 53 18.95 17.38 1.55
N ALA A 54 18.32 18.54 1.37
CA ALA A 54 17.61 19.17 2.47
C ALA A 54 16.28 18.47 2.74
N ARG A 55 15.55 18.09 1.69
CA ARG A 55 14.21 17.55 1.87
C ARG A 55 14.25 16.24 2.66
N THR A 56 15.04 15.28 2.21
CA THR A 56 15.10 14.02 2.94
C THR A 56 15.75 14.17 4.30
N SER A 57 16.55 15.23 4.48
CA SER A 57 17.12 15.49 5.79
C SER A 57 16.10 16.12 6.72
N GLU A 58 15.38 17.13 6.24
CA GLU A 58 14.27 17.71 6.99
C GLU A 58 13.30 16.64 7.47
N ILE A 59 12.77 15.86 6.52
CA ILE A 59 11.75 14.86 6.84
C ILE A 59 12.29 13.82 7.82
N GLY A 60 13.58 13.49 7.72
CA GLY A 60 14.14 12.52 8.64
C GLY A 60 14.15 13.02 10.07
N THR A 61 14.68 14.22 10.28
CA THR A 61 14.69 14.82 11.61
C THR A 61 13.28 14.86 12.21
N GLN A 62 12.30 15.36 11.44
CA GLN A 62 10.97 15.55 12.00
C GLN A 62 10.34 14.21 12.38
N LEU A 63 10.57 13.16 11.58
CA LEU A 63 10.09 11.83 11.95
C LEU A 63 10.73 11.34 13.26
N GLU A 64 11.98 11.69 13.51
CA GLU A 64 12.57 11.30 14.78
C GLU A 64 11.93 12.06 15.94
N GLU A 65 11.53 13.32 15.72
CA GLU A 65 10.83 14.08 16.75
C GLU A 65 9.42 13.55 16.97
N LEU A 66 8.69 13.30 15.87
CA LEU A 66 7.38 12.68 15.95
C LEU A 66 7.43 11.37 16.75
N SER A 67 8.46 10.56 16.51
CA SER A 67 8.56 9.27 17.19
C SER A 67 8.50 9.42 18.71
N VAL A 68 9.19 10.43 19.24
CA VAL A 68 9.14 10.70 20.68
C VAL A 68 7.71 10.89 21.13
N ASP A 69 6.97 11.74 20.40
CA ASP A 69 5.57 11.98 20.71
C ASP A 69 4.78 10.68 20.84
N TYR A 70 4.92 9.76 19.86
CA TYR A 70 4.23 8.47 19.93
C TYR A 70 4.63 7.67 21.17
N ILE A 71 5.90 7.68 21.54
CA ILE A 71 6.35 6.95 22.71
C ILE A 71 5.74 7.55 23.98
N VAL A 72 5.78 8.87 24.11
CA VAL A 72 5.19 9.52 25.27
C VAL A 72 3.68 9.24 25.32
N GLN A 73 3.00 9.44 24.18
CA GLN A 73 1.58 9.11 24.10
C GLN A 73 1.30 7.67 24.52
N GLY A 74 2.12 6.73 24.07
CA GLY A 74 1.88 5.34 24.42
C GLY A 74 2.13 5.05 25.88
N LEU A 75 3.20 5.62 26.44
CA LEU A 75 3.50 5.42 27.86
C LEU A 75 2.38 5.97 28.74
N LEU A 76 1.89 7.16 28.44
CA LEU A 76 0.81 7.74 29.23
C LEU A 76 -0.45 6.87 29.18
N GLN A 77 -0.77 6.34 28.00
CA GLN A 77 -1.96 5.51 27.86
C GLN A 77 -1.87 4.22 28.66
N MET A 78 -0.66 3.80 29.04
CA MET A 78 -0.51 2.66 29.95
C MET A 78 -0.43 3.07 31.42
N GLY A 79 -0.61 4.35 31.71
CA GLY A 79 -0.70 4.82 33.09
C GLY A 79 0.59 5.35 33.67
N TRP A 80 1.60 5.61 32.83
CA TRP A 80 2.87 6.17 33.29
C TRP A 80 2.66 7.33 34.25
N SER A 81 3.15 7.18 35.48
CA SER A 81 2.92 8.18 36.52
C SER A 81 4.21 8.64 37.18
N TYR A 82 5.37 8.35 36.60
CA TYR A 82 6.62 8.67 37.26
C TYR A 82 6.93 10.17 37.13
N GLN A 83 7.40 10.75 38.22
CA GLN A 83 7.65 12.17 38.35
C GLN A 83 9.16 12.44 38.39
N PRO A 84 9.58 13.66 38.11
CA PRO A 84 11.02 13.98 38.13
C PRO A 84 11.69 13.64 39.45
N THR A 85 12.92 13.12 39.32
CA THR A 85 13.85 12.64 40.36
C THR A 85 13.54 11.20 40.76
N GLU A 86 12.31 10.74 40.52
CA GLU A 86 11.94 9.38 40.87
C GLU A 86 12.74 8.38 40.05
N SER A 87 13.23 7.34 40.71
CA SER A 87 13.99 6.29 40.06
C SER A 87 13.18 5.00 40.06
N PHE A 88 13.22 4.27 38.95
CA PHE A 88 12.52 3.00 38.86
C PHE A 88 13.42 1.97 38.20
N ASP A 89 13.04 0.70 38.39
CA ASP A 89 13.70 -0.43 37.76
C ASP A 89 13.00 -0.79 36.46
N LEU A 90 13.77 -1.28 35.49
CA LEU A 90 13.20 -1.57 34.19
C LEU A 90 12.08 -2.60 34.25
N ASP A 91 12.30 -3.71 34.97
CA ASP A 91 11.25 -4.72 35.11
C ASP A 91 10.05 -4.17 35.87
N ALA A 92 10.29 -3.53 37.01
CA ALA A 92 9.17 -3.03 37.82
C ALA A 92 8.27 -2.12 37.01
N ALA A 93 8.86 -1.21 36.22
CA ALA A 93 8.07 -0.34 35.35
C ALA A 93 7.31 -1.14 34.30
N ALA A 94 7.98 -2.12 33.66
CA ALA A 94 7.27 -2.98 32.73
C ALA A 94 6.06 -3.63 33.39
N GLN A 95 6.25 -4.22 34.57
CA GLN A 95 5.14 -4.90 35.22
C GLN A 95 4.06 -3.91 35.61
N CYS A 96 4.43 -2.69 36.00
CA CYS A 96 3.44 -1.69 36.40
C CYS A 96 2.58 -1.30 35.20
N LEU A 97 3.21 -0.92 34.09
CA LEU A 97 2.48 -0.48 32.91
C LEU A 97 1.82 -1.64 32.17
N GLY A 98 2.11 -2.88 32.53
CA GLY A 98 1.53 -4.02 31.87
C GLY A 98 2.23 -4.47 30.61
N VAL A 99 3.53 -4.18 30.46
CA VAL A 99 4.27 -4.66 29.30
C VAL A 99 4.39 -6.18 29.38
N VAL A 100 3.84 -6.86 28.36
CA VAL A 100 3.94 -8.32 28.33
C VAL A 100 5.42 -8.68 28.20
N PRO A 101 5.85 -9.81 28.79
CA PRO A 101 7.28 -10.14 28.83
C PRO A 101 8.02 -10.09 27.50
N THR A 102 7.36 -10.43 26.41
CA THR A 102 8.07 -10.49 25.13
C THR A 102 8.27 -9.13 24.49
N GLN A 103 7.76 -8.06 25.09
CA GLN A 103 7.92 -6.72 24.54
C GLN A 103 8.80 -5.84 25.41
N VAL A 104 9.52 -6.40 26.38
CA VAL A 104 10.30 -5.56 27.29
C VAL A 104 11.60 -5.11 26.63
N ARG A 105 12.19 -5.93 25.74
CA ARG A 105 13.34 -5.47 24.97
C ARG A 105 13.00 -4.20 24.20
N LEU A 106 11.87 -4.20 23.48
CA LEU A 106 11.39 -3.00 22.83
C LEU A 106 11.14 -1.88 23.83
N PHE A 107 10.50 -2.21 24.97
CA PHE A 107 10.23 -1.22 26.00
C PHE A 107 11.52 -0.56 26.48
N GLU A 108 12.57 -1.34 26.66
CA GLU A 108 13.84 -0.75 27.08
C GLU A 108 14.34 0.28 26.07
N ARG A 109 14.26 -0.07 24.78
CA ARG A 109 14.73 0.84 23.74
C ARG A 109 13.90 2.12 23.69
N LEU A 110 12.59 2.00 23.94
CA LEU A 110 11.77 3.20 24.04
C LEU A 110 12.24 4.07 25.20
N LEU A 111 12.69 3.47 26.30
CA LEU A 111 13.24 4.28 27.38
C LEU A 111 14.58 4.89 26.98
N GLN A 112 15.40 4.11 26.28
CA GLN A 112 16.68 4.61 25.79
C GLN A 112 16.48 5.83 24.91
N ILE A 113 15.40 5.84 24.12
CA ILE A 113 15.09 6.98 23.26
C ILE A 113 14.68 8.20 24.08
N LEU A 114 13.83 8.01 25.09
CA LEU A 114 13.51 9.13 25.98
C LEU A 114 14.77 9.70 26.63
N ALA A 115 15.77 8.86 26.88
CA ALA A 115 17.02 9.34 27.45
C ALA A 115 17.82 10.16 26.45
N GLU A 116 17.85 9.74 25.18
CA GLU A 116 18.57 10.49 24.15
C GLU A 116 18.08 11.94 24.08
N VAL A 117 16.79 12.16 24.30
CA VAL A 117 16.24 13.51 24.24
C VAL A 117 16.19 14.20 25.60
N GLY A 118 16.69 13.56 26.66
CA GLY A 118 16.81 14.19 27.96
C GLY A 118 15.65 14.00 28.91
N ILE A 119 14.57 13.32 28.49
CA ILE A 119 13.45 13.10 29.38
C ILE A 119 13.82 12.13 30.50
N LEU A 120 14.51 11.05 30.16
CA LEU A 120 15.00 10.09 31.13
C LEU A 120 16.52 10.16 31.23
N GLN A 121 17.04 9.51 32.26
CA GLN A 121 18.47 9.29 32.42
C GLN A 121 18.65 7.87 32.97
N SER A 122 19.78 7.27 32.65
CA SER A 122 20.03 5.89 33.02
C SER A 122 21.37 5.78 33.70
N ASN A 123 21.38 5.12 34.86
CA ASN A 123 22.60 4.69 35.54
C ASN A 123 22.32 3.29 36.04
N GLN A 124 23.33 2.43 35.97
CA GLN A 124 23.12 1.02 36.35
C GLN A 124 22.03 0.49 35.40
N GLN A 125 21.11 -0.36 35.85
CA GLN A 125 19.93 -0.70 35.07
C GLN A 125 18.70 0.07 35.54
N GLN A 126 18.91 1.13 36.32
CA GLN A 126 17.87 1.93 36.93
C GLN A 126 17.61 3.19 36.10
N TRP A 127 16.37 3.66 36.13
CA TRP A 127 15.95 4.83 35.36
C TRP A 127 15.42 5.90 36.28
N GLN A 128 15.80 7.15 36.00
CA GLN A 128 15.36 8.31 36.75
C GLN A 128 14.76 9.34 35.80
N VAL A 129 13.56 9.83 36.14
CA VAL A 129 12.89 10.86 35.33
C VAL A 129 13.60 12.19 35.50
N GLN A 130 13.94 12.83 34.37
CA GLN A 130 14.54 14.16 34.39
C GLN A 130 13.50 15.27 34.20
N LYS A 131 12.72 15.20 33.12
CA LYS A 131 11.72 16.22 32.83
C LYS A 131 10.36 15.57 32.66
N THR A 132 9.32 16.26 33.11
CA THR A 132 7.96 15.83 32.80
C THR A 132 7.66 16.01 31.31
N ALA A 133 7.10 14.98 30.69
CA ALA A 133 6.72 15.08 29.28
C ALA A 133 5.41 15.85 29.13
N GLN A 134 5.35 16.71 28.11
CA GLN A 134 4.24 17.61 27.84
C GLN A 134 3.16 16.94 26.98
N LYS A 135 2.07 17.67 26.73
CA LYS A 135 0.97 17.13 25.95
C LYS A 135 1.40 16.90 24.51
N VAL A 136 1.02 15.77 23.96
CA VAL A 136 1.33 15.46 22.58
C VAL A 136 0.07 14.98 21.88
N ASN A 137 -0.04 15.34 20.61
CA ASN A 137 -1.04 14.77 19.71
C ASN A 137 -0.31 14.35 18.44
N PRO A 138 0.43 13.24 18.49
CA PRO A 138 1.24 12.86 17.33
C PRO A 138 0.42 12.66 16.07
N SER A 139 -0.86 12.31 16.19
CA SER A 139 -1.69 12.05 15.02
C SER A 139 -2.06 13.37 14.33
N LYS A 140 -2.37 14.40 15.12
CA LYS A 140 -2.59 15.72 14.54
C LYS A 140 -1.32 16.23 13.87
N GLN A 141 -0.17 15.97 14.48
CA GLN A 141 1.09 16.38 13.89
C GLN A 141 1.47 15.51 12.69
N SER A 142 1.15 14.22 12.74
CA SER A 142 1.36 13.35 11.57
C SER A 142 0.68 13.95 10.35
N GLN A 143 -0.61 14.30 10.49
CA GLN A 143 -1.36 14.86 9.37
C GLN A 143 -0.74 16.13 8.83
N SER A 144 -0.26 17.00 9.73
CA SER A 144 0.47 18.18 9.29
C SER A 144 1.65 17.79 8.41
N LEU A 145 2.43 16.80 8.85
CA LEU A 145 3.58 16.34 8.07
C LEU A 145 3.13 15.78 6.72
N LEU A 146 1.97 15.12 6.70
CA LEU A 146 1.49 14.50 5.46
C LEU A 146 1.09 15.54 4.43
N SER A 147 0.50 16.65 4.87
CA SER A 147 0.21 17.72 3.93
C SER A 147 1.48 18.43 3.47
N GLN A 148 2.48 18.50 4.34
CA GLN A 148 3.76 19.11 3.97
C GLN A 148 4.56 18.21 3.03
N TYR A 149 4.61 16.91 3.33
CA TYR A 149 5.40 15.94 2.57
C TYR A 149 4.53 14.75 2.16
N PRO A 150 3.60 14.95 1.22
CA PRO A 150 2.83 13.82 0.70
C PRO A 150 3.68 12.70 0.11
N ASP A 151 4.96 12.96 -0.22
CA ASP A 151 5.80 11.95 -0.86
C ASP A 151 6.29 10.87 0.10
N GLU A 152 6.32 11.13 1.42
CA GLU A 152 6.63 10.10 2.40
C GLU A 152 5.38 9.58 3.11
N ALA A 153 4.25 9.61 2.39
CA ALA A 153 2.97 9.19 2.94
C ALA A 153 2.95 7.72 3.35
N ALA A 154 3.70 6.85 2.66
CA ALA A 154 3.73 5.45 3.06
C ALA A 154 4.31 5.31 4.45
N THR A 155 5.43 5.99 4.71
CA THR A 155 6.11 5.93 5.99
C THR A 155 5.24 6.49 7.11
N LEU A 156 4.64 7.66 6.88
CA LEU A 156 3.83 8.26 7.94
C LEU A 156 2.58 7.45 8.18
N THR A 157 1.98 6.91 7.12
CA THR A 157 0.76 6.11 7.32
C THR A 157 1.07 4.85 8.09
N LEU A 158 2.19 4.20 7.78
CA LEU A 158 2.57 2.99 8.48
C LEU A 158 3.04 3.30 9.90
N LEU A 159 3.81 4.37 10.07
CA LEU A 159 4.18 4.78 11.42
C LEU A 159 2.94 5.07 12.25
N GLU A 160 1.93 5.70 11.63
CA GLU A 160 0.68 5.99 12.33
C GLU A 160 -0.02 4.69 12.78
N ARG A 161 -0.16 3.73 11.87
CA ARG A 161 -0.88 2.51 12.22
C ARG A 161 -0.15 1.68 13.28
N CYS A 162 1.18 1.71 13.29
CA CYS A 162 1.94 0.92 14.23
C CYS A 162 2.16 1.66 15.55
N ALA A 163 2.50 2.96 15.49
CA ALA A 163 2.93 3.68 16.70
C ALA A 163 1.75 4.22 17.49
N SER A 164 0.70 4.67 16.82
CA SER A 164 -0.46 5.06 17.59
C SER A 164 -1.12 3.87 18.28
N GLN A 165 -0.62 2.65 18.09
CA GLN A 165 -1.11 1.48 18.81
C GLN A 165 -0.05 0.89 19.72
N LEU A 166 0.99 1.67 20.04
CA LEU A 166 2.13 1.14 20.79
C LEU A 166 1.69 0.47 22.09
N SER A 167 0.78 1.11 22.83
CA SER A 167 0.42 0.57 24.14
C SER A 167 -0.30 -0.76 24.01
N GLY A 168 -1.18 -0.88 23.00
CA GLY A 168 -1.72 -2.19 22.67
C GLY A 168 -0.64 -3.23 22.42
N VAL A 169 0.41 -2.84 21.69
CA VAL A 169 1.46 -3.79 21.35
C VAL A 169 2.29 -4.17 22.59
N LEU A 170 2.69 -3.16 23.38
CA LEU A 170 3.45 -3.47 24.59
C LEU A 170 2.64 -4.33 25.55
N ARG A 171 1.32 -4.15 25.57
CA ARG A 171 0.46 -4.97 26.41
C ARG A 171 0.05 -6.28 25.74
N GLY A 172 0.60 -6.60 24.57
CA GLY A 172 0.34 -7.89 23.95
C GLY A 172 -1.07 -8.09 23.47
N GLU A 173 -1.86 -7.01 23.37
CA GLU A 173 -3.22 -7.08 22.87
C GLU A 173 -3.28 -7.13 21.35
N ILE A 174 -2.21 -6.71 20.68
CA ILE A 174 -2.12 -6.80 19.23
C ILE A 174 -0.88 -7.58 18.88
N ASP A 175 -1.03 -8.57 18.03
CA ASP A 175 0.12 -9.15 17.35
C ASP A 175 0.68 -8.11 16.37
N PRO A 176 1.89 -7.59 16.58
CA PRO A 176 2.37 -6.51 15.72
C PRO A 176 2.39 -6.90 14.24
N VAL A 177 2.40 -8.20 13.91
CA VAL A 177 2.31 -8.62 12.51
C VAL A 177 1.08 -8.04 11.84
N GLN A 178 -0.07 -8.08 12.53
CA GLN A 178 -1.28 -7.46 11.97
C GLN A 178 -1.12 -5.96 11.78
N LEU A 179 -0.22 -5.32 12.52
CA LEU A 179 0.04 -3.90 12.30
C LEU A 179 1.01 -3.66 11.14
N VAL A 180 2.08 -4.46 11.07
CA VAL A 180 3.07 -4.21 10.03
C VAL A 180 2.67 -4.90 8.74
N PHE A 181 2.38 -6.19 8.80
CA PHE A 181 2.07 -7.05 7.64
C PHE A 181 0.73 -7.77 7.80
N PRO A 182 -0.39 -7.05 7.86
CA PRO A 182 -1.69 -7.74 7.84
C PRO A 182 -1.93 -8.33 6.46
N GLN A 183 -2.76 -9.39 6.42
CA GLN A 183 -3.06 -10.05 5.16
C GLN A 183 -3.62 -9.07 4.12
N GLY A 184 -4.59 -8.25 4.51
CA GLY A 184 -5.22 -7.30 3.61
C GLY A 184 -4.34 -6.15 3.15
N ASP A 185 -3.11 -6.05 3.65
CA ASP A 185 -2.21 -4.96 3.30
C ASP A 185 -0.77 -5.33 3.62
N LEU A 186 -0.13 -6.09 2.74
CA LEU A 186 1.30 -6.33 2.82
C LEU A 186 2.10 -5.26 2.10
N THR A 187 1.45 -4.48 1.24
CA THR A 187 2.17 -3.56 0.38
C THR A 187 2.68 -2.33 1.12
N THR A 188 1.89 -1.78 2.06
CA THR A 188 2.28 -0.53 2.71
C THR A 188 3.70 -0.59 3.22
N ALA A 189 4.07 -1.69 3.86
CA ALA A 189 5.46 -1.89 4.29
C ALA A 189 6.41 -2.03 3.11
N THR A 190 5.92 -2.41 1.94
CA THR A 190 6.80 -2.50 0.78
C THR A 190 6.97 -1.14 0.09
N GLN A 191 5.90 -0.34 -0.01
CA GLN A 191 6.06 1.02 -0.55
C GLN A 191 7.12 1.79 0.21
N LEU A 192 7.27 1.51 1.51
CA LEU A 192 8.35 2.09 2.28
C LEU A 192 9.71 1.63 1.78
N TYR A 193 9.85 0.33 1.49
CA TYR A 193 11.10 -0.25 1.01
C TYR A 193 11.36 0.04 -0.47
N LYS A 194 10.35 0.42 -1.23
CA LYS A 194 10.42 0.49 -2.67
C LYS A 194 10.47 1.92 -3.20
N ASP A 195 9.56 2.77 -2.73
CA ASP A 195 9.32 4.06 -3.35
C ASP A 195 9.53 5.25 -2.43
N SER A 196 10.15 5.06 -1.26
CA SER A 196 10.70 6.21 -0.56
C SER A 196 11.84 6.81 -1.39
N ALA A 197 12.13 8.09 -1.14
CA ALA A 197 13.16 8.78 -1.93
C ALA A 197 14.48 8.04 -1.88
N VAL A 198 14.87 7.57 -0.70
CA VAL A 198 16.14 6.89 -0.52
C VAL A 198 16.08 5.48 -1.08
N ALA A 199 14.98 4.78 -0.87
CA ALA A 199 14.85 3.43 -1.41
C ALA A 199 14.95 3.41 -2.93
N LYS A 200 14.46 4.46 -3.59
CA LYS A 200 14.55 4.53 -5.05
C LYS A 200 16.00 4.55 -5.48
N VAL A 201 16.84 5.35 -4.81
CA VAL A 201 18.27 5.33 -5.10
C VAL A 201 18.84 3.95 -4.83
N MET A 202 18.65 3.43 -3.61
CA MET A 202 19.30 2.17 -3.25
C MET A 202 18.85 1.03 -4.16
N ASN A 203 17.56 0.99 -4.50
CA ASN A 203 17.07 -0.12 -5.30
C ASN A 203 17.58 -0.02 -6.75
N THR A 204 17.75 1.20 -7.26
CA THR A 204 18.38 1.35 -8.57
C THR A 204 19.82 0.84 -8.56
N ILE A 205 20.56 1.10 -7.47
CA ILE A 205 21.92 0.56 -7.37
C ILE A 205 21.88 -0.96 -7.42
N VAL A 206 20.96 -1.57 -6.69
CA VAL A 206 20.85 -3.03 -6.67
C VAL A 206 20.69 -3.55 -8.11
N GLU A 207 19.86 -2.88 -8.91
CA GLU A 207 19.60 -3.36 -10.26
C GLU A 207 20.81 -3.14 -11.16
N LYS A 208 21.37 -1.93 -11.12
CA LYS A 208 22.54 -1.63 -11.92
C LYS A 208 23.69 -2.56 -11.57
N VAL A 209 23.84 -2.88 -10.28
CA VAL A 209 24.92 -3.79 -9.90
C VAL A 209 24.70 -5.16 -10.54
N ILE A 210 23.48 -5.69 -10.41
CA ILE A 210 23.19 -7.04 -10.90
C ILE A 210 23.34 -7.11 -12.42
N MET A 211 22.87 -6.07 -13.12
CA MET A 211 22.95 -6.13 -14.58
C MET A 211 24.39 -5.94 -15.05
N LYS A 212 25.20 -5.21 -14.29
CA LYS A 212 26.61 -5.07 -14.66
C LYS A 212 27.40 -6.35 -14.39
N ALA A 213 27.15 -7.00 -13.24
CA ALA A 213 27.91 -8.20 -12.89
C ALA A 213 27.77 -9.31 -13.91
N MET A 214 26.69 -9.33 -14.69
CA MET A 214 26.41 -10.45 -15.58
C MET A 214 26.55 -10.08 -17.05
N GLU A 215 27.15 -8.93 -17.36
CA GLU A 215 27.15 -8.53 -18.75
C GLU A 215 28.11 -9.35 -19.60
N LYS A 216 28.78 -10.34 -19.02
CA LYS A 216 29.64 -11.24 -19.78
C LYS A 216 29.10 -12.65 -19.89
N LEU A 217 27.93 -12.93 -19.29
CA LEU A 217 27.21 -14.20 -19.42
C LEU A 217 27.31 -14.77 -20.83
N PRO A 218 27.89 -15.95 -20.99
CA PRO A 218 27.97 -16.57 -22.33
C PRO A 218 26.59 -16.90 -22.85
N PRO A 219 26.37 -16.74 -24.16
CA PRO A 219 25.09 -17.20 -24.74
C PRO A 219 24.76 -18.64 -24.36
N SER A 220 25.79 -19.45 -24.08
CA SER A 220 25.65 -20.87 -23.80
C SER A 220 25.18 -21.17 -22.39
N ARG A 221 25.15 -20.19 -21.49
CA ARG A 221 24.97 -20.46 -20.07
C ARG A 221 23.82 -19.64 -19.50
N GLY A 222 23.03 -20.27 -18.66
CA GLY A 222 22.03 -19.55 -17.91
C GLY A 222 22.60 -18.97 -16.62
N ILE A 223 21.86 -18.04 -16.05
CA ILE A 223 22.22 -17.41 -14.78
C ILE A 223 21.08 -17.66 -13.79
N ARG A 224 21.46 -17.99 -12.56
CA ARG A 224 20.53 -18.32 -11.51
C ARG A 224 20.66 -17.29 -10.39
N LEU A 225 19.56 -16.61 -10.12
CA LEU A 225 19.47 -15.63 -9.05
C LEU A 225 18.52 -16.18 -8.01
N LEU A 226 18.77 -15.84 -6.74
CA LEU A 226 17.87 -16.22 -5.65
C LEU A 226 17.74 -15.05 -4.70
N GLU A 227 16.50 -14.68 -4.38
CA GLU A 227 16.25 -13.55 -3.50
C GLU A 227 15.73 -14.06 -2.15
N ILE A 228 16.44 -13.72 -1.07
CA ILE A 228 16.04 -14.07 0.29
C ILE A 228 15.19 -12.95 0.87
N GLY A 229 14.12 -13.34 1.58
CA GLY A 229 13.28 -12.40 2.30
C GLY A 229 12.76 -11.30 1.40
N ALA A 230 12.20 -11.71 0.25
CA ALA A 230 11.80 -10.79 -0.81
C ALA A 230 10.48 -10.07 -0.53
N GLY A 231 9.72 -10.48 0.49
CA GLY A 231 8.55 -9.69 0.87
C GLY A 231 7.49 -9.79 -0.22
N THR A 232 6.95 -8.66 -0.64
CA THR A 232 6.07 -8.66 -1.80
C THR A 232 6.75 -8.12 -3.06
N GLY A 233 8.07 -7.97 -3.04
CA GLY A 233 8.80 -7.65 -4.23
C GLY A 233 9.24 -6.21 -4.36
N GLY A 234 9.36 -5.49 -3.26
CA GLY A 234 9.89 -4.13 -3.25
C GLY A 234 11.17 -3.97 -4.04
N THR A 235 12.22 -4.71 -3.68
CA THR A 235 13.45 -4.64 -4.45
C THR A 235 13.35 -5.47 -5.74
N THR A 236 12.59 -6.56 -5.71
CA THR A 236 12.47 -7.44 -6.87
C THR A 236 11.99 -6.68 -8.10
N SER A 237 11.05 -5.76 -7.91
CA SER A 237 10.42 -5.07 -9.03
C SER A 237 11.41 -4.20 -9.77
N TYR A 238 12.54 -3.85 -9.14
CA TYR A 238 13.55 -3.07 -9.84
C TYR A 238 14.39 -3.92 -10.78
N ILE A 239 14.54 -5.21 -10.48
CA ILE A 239 15.41 -6.12 -11.22
C ILE A 239 14.71 -6.75 -12.41
N LEU A 240 13.51 -7.31 -12.18
CA LEU A 240 12.87 -8.16 -13.17
C LEU A 240 12.74 -7.53 -14.56
N PRO A 241 12.50 -6.23 -14.71
CA PRO A 241 12.39 -5.68 -16.08
C PRO A 241 13.66 -5.79 -16.92
N HIS A 242 14.83 -6.03 -16.31
CA HIS A 242 16.08 -6.08 -17.07
C HIS A 242 16.60 -7.49 -17.34
N LEU A 243 16.05 -8.51 -16.69
CA LEU A 243 16.55 -9.86 -16.88
C LEU A 243 16.11 -10.46 -18.21
N ASN A 244 16.95 -11.34 -18.76
CA ASN A 244 16.65 -11.98 -20.03
C ASN A 244 15.94 -13.31 -19.75
N PRO A 245 14.63 -13.42 -19.99
CA PRO A 245 13.91 -14.65 -19.60
C PRO A 245 14.49 -15.91 -20.21
N ASN A 246 15.10 -15.80 -21.40
CA ASN A 246 15.72 -16.95 -22.05
C ASN A 246 16.98 -17.43 -21.35
N GLN A 247 17.60 -16.62 -20.51
CA GLN A 247 18.87 -16.98 -19.89
C GLN A 247 18.87 -16.82 -18.37
N THR A 248 17.70 -16.77 -17.74
CA THR A 248 17.66 -16.44 -16.33
C THR A 248 16.66 -17.34 -15.62
N GLU A 249 17.03 -17.78 -14.42
CA GLU A 249 16.12 -18.34 -13.44
C GLU A 249 16.17 -17.47 -12.20
N TYR A 250 15.01 -17.03 -11.72
CA TYR A 250 14.93 -16.10 -10.60
C TYR A 250 14.04 -16.74 -9.53
N ILE A 251 14.63 -17.15 -8.41
CA ILE A 251 13.90 -17.82 -7.34
C ILE A 251 13.50 -16.74 -6.31
N PHE A 252 12.20 -16.47 -6.25
CA PHE A 252 11.63 -15.52 -5.30
C PHE A 252 11.32 -16.29 -4.03
N THR A 253 12.01 -15.98 -2.94
CA THR A 253 11.72 -16.67 -1.69
C THR A 253 11.40 -15.68 -0.58
N ASP A 254 10.61 -16.14 0.39
CA ASP A 254 10.41 -15.43 1.64
C ASP A 254 10.07 -16.48 2.68
N ILE A 255 10.27 -16.14 3.95
CA ILE A 255 9.91 -17.10 4.99
C ILE A 255 8.40 -17.30 5.02
N GLY A 256 7.62 -16.32 4.54
CA GLY A 256 6.17 -16.35 4.65
C GLY A 256 5.53 -16.64 3.30
N ALA A 257 4.62 -17.64 3.30
CA ALA A 257 3.90 -17.99 2.09
C ALA A 257 2.95 -16.89 1.64
N LEU A 258 2.49 -16.04 2.55
CA LEU A 258 1.62 -14.94 2.15
C LEU A 258 2.37 -13.96 1.27
N PHE A 259 3.66 -13.80 1.51
CA PHE A 259 4.45 -12.90 0.70
C PHE A 259 4.68 -13.45 -0.70
N THR A 260 5.08 -14.73 -0.80
CA THR A 260 5.33 -15.28 -2.14
C THR A 260 4.05 -15.31 -2.97
N SER A 261 2.93 -15.57 -2.31
CA SER A 261 1.63 -15.64 -2.98
C SER A 261 1.19 -14.28 -3.50
N LYS A 262 1.36 -13.22 -2.71
CA LYS A 262 1.06 -11.89 -3.22
C LYS A 262 2.00 -11.53 -4.38
N ALA A 263 3.28 -11.88 -4.27
CA ALA A 263 4.24 -11.54 -5.31
C ALA A 263 3.95 -12.29 -6.61
N GLN A 264 3.62 -13.57 -6.51
CA GLN A 264 3.25 -14.34 -7.70
C GLN A 264 2.11 -13.65 -8.45
N GLU A 265 1.16 -13.09 -7.72
CA GLU A 265 0.11 -12.30 -8.37
C GLU A 265 0.69 -11.08 -9.07
N LYS A 266 1.56 -10.33 -8.38
CA LYS A 266 2.16 -9.13 -8.97
C LYS A 266 2.98 -9.47 -10.20
N PHE A 267 3.74 -10.57 -10.15
CA PHE A 267 4.74 -10.86 -11.18
C PHE A 267 4.33 -11.98 -12.13
N GLN A 268 3.03 -12.17 -12.36
CA GLN A 268 2.61 -13.43 -12.99
C GLN A 268 3.06 -13.54 -14.45
N ASP A 269 3.33 -12.43 -15.12
CA ASP A 269 3.71 -12.46 -16.53
C ASP A 269 5.21 -12.48 -16.75
N TYR A 270 6.01 -12.42 -15.68
CA TYR A 270 7.41 -12.81 -15.75
C TYR A 270 7.45 -14.32 -15.63
N ARG A 271 7.69 -15.02 -16.74
CA ARG A 271 7.56 -16.46 -16.73
C ARG A 271 8.81 -17.19 -16.24
N PHE A 272 9.92 -16.48 -16.02
CA PHE A 272 11.15 -17.11 -15.56
C PHE A 272 11.29 -17.11 -14.03
N LEU A 273 10.23 -16.84 -13.29
CA LEU A 273 10.32 -16.73 -11.84
C LEU A 273 9.88 -18.03 -11.19
N GLY A 274 10.68 -18.51 -10.24
CA GLY A 274 10.25 -19.57 -9.36
C GLY A 274 9.89 -18.96 -8.01
N TYR A 275 8.98 -19.61 -7.30
CA TYR A 275 8.57 -19.20 -5.96
C TYR A 275 8.78 -20.36 -5.00
N GLN A 276 9.30 -20.06 -3.82
CA GLN A 276 9.56 -21.08 -2.81
C GLN A 276 9.83 -20.39 -1.48
N THR A 277 9.61 -21.12 -0.39
CA THR A 277 9.81 -20.51 0.92
C THR A 277 11.15 -20.94 1.50
N LEU A 278 11.83 -19.99 2.13
CA LEU A 278 13.15 -20.20 2.67
C LEU A 278 13.26 -19.47 4.00
N ASP A 279 13.70 -20.19 5.01
CA ASP A 279 14.07 -19.59 6.31
C ASP A 279 15.60 -19.58 6.39
N ILE A 280 16.20 -18.40 6.30
CA ILE A 280 17.64 -18.29 6.14
C ILE A 280 18.36 -18.63 7.44
N GLU A 281 17.62 -18.88 8.51
CA GLU A 281 18.26 -19.27 9.77
C GLU A 281 18.51 -20.77 9.87
N VAL A 282 17.88 -21.56 9.01
CA VAL A 282 18.09 -22.99 8.96
C VAL A 282 18.75 -23.33 7.63
N ASP A 283 19.61 -24.35 7.65
CA ASP A 283 20.31 -24.90 6.50
C ASP A 283 19.37 -24.95 5.28
N PRO A 284 19.66 -24.16 4.24
CA PRO A 284 18.78 -24.13 3.05
C PRO A 284 18.69 -25.45 2.31
N SER A 285 19.69 -26.30 2.42
CA SER A 285 19.62 -27.61 1.75
C SER A 285 18.54 -28.48 2.37
N SER A 286 18.20 -28.25 3.64
CA SER A 286 17.12 -29.02 4.23
C SER A 286 15.75 -28.50 3.80
N GLN A 287 15.73 -27.46 2.98
CA GLN A 287 14.51 -26.78 2.58
C GLN A 287 14.29 -26.87 1.08
N GLY A 288 14.96 -27.80 0.40
CA GLY A 288 14.76 -27.91 -1.03
C GLY A 288 15.60 -27.00 -1.91
N PHE A 289 16.75 -26.53 -1.42
CA PHE A 289 17.64 -25.69 -2.21
C PHE A 289 18.98 -26.39 -2.42
N GLU A 290 19.52 -26.27 -3.63
CA GLU A 290 20.81 -26.90 -3.96
C GLU A 290 21.97 -26.05 -3.44
N SER A 291 22.92 -26.71 -2.77
CA SER A 291 24.07 -25.99 -2.24
C SER A 291 25.02 -25.57 -3.35
N HIS A 292 25.49 -24.32 -3.24
CA HIS A 292 26.55 -23.75 -4.08
C HIS A 292 26.20 -23.77 -5.56
N ARG A 293 24.91 -23.59 -5.89
CA ARG A 293 24.54 -23.58 -7.29
C ARG A 293 23.78 -22.34 -7.72
N TYR A 294 23.79 -21.28 -6.90
CA TYR A 294 23.20 -20.00 -7.27
C TYR A 294 24.31 -19.01 -7.62
N ASP A 295 24.13 -18.30 -8.75
CA ASP A 295 25.13 -17.31 -9.18
C ASP A 295 25.03 -16.00 -8.38
N VAL A 296 23.81 -15.56 -8.08
CA VAL A 296 23.57 -14.25 -7.49
C VAL A 296 22.51 -14.42 -6.41
N ILE A 297 22.80 -13.90 -5.22
CA ILE A 297 21.85 -13.91 -4.12
C ILE A 297 21.57 -12.48 -3.72
N ILE A 298 20.29 -12.14 -3.66
CA ILE A 298 19.82 -10.82 -3.24
C ILE A 298 19.17 -10.99 -1.88
N ALA A 299 19.51 -10.09 -0.94
CA ALA A 299 18.85 -10.06 0.38
C ALA A 299 18.71 -8.60 0.77
N ALA A 300 17.54 -8.01 0.51
CA ALA A 300 17.26 -6.62 0.82
C ALA A 300 16.48 -6.56 2.14
N ASN A 301 17.12 -6.00 3.17
CA ASN A 301 16.47 -5.68 4.44
C ASN A 301 15.91 -6.92 5.15
N VAL A 302 16.74 -7.97 5.28
CA VAL A 302 16.24 -9.19 5.91
C VAL A 302 17.26 -9.86 6.81
N LEU A 303 18.54 -9.88 6.41
CA LEU A 303 19.53 -10.65 7.16
C LEU A 303 19.69 -10.17 8.62
N HIS A 304 19.45 -8.88 8.89
CA HIS A 304 19.59 -8.36 10.26
C HIS A 304 18.58 -9.01 11.21
N ALA A 305 17.41 -9.34 10.71
CA ALA A 305 16.28 -9.83 11.50
C ALA A 305 16.43 -11.30 11.91
N THR A 306 17.65 -11.72 12.25
CA THR A 306 17.92 -13.10 12.63
C THR A 306 18.69 -13.10 13.95
N THR A 307 18.98 -14.29 14.47
CA THR A 307 19.56 -14.36 15.80
C THR A 307 21.09 -14.36 15.78
N SER A 308 21.72 -14.87 14.72
CA SER A 308 23.18 -14.91 14.63
C SER A 308 23.60 -14.59 13.20
N LEU A 309 24.15 -13.39 12.98
CA LEU A 309 24.58 -13.00 11.64
C LEU A 309 25.61 -13.96 11.06
N LYS A 310 26.41 -14.61 11.91
CA LYS A 310 27.45 -15.49 11.37
C LYS A 310 26.84 -16.78 10.83
N GLN A 311 25.84 -17.34 11.53
CA GLN A 311 25.18 -18.52 10.99
C GLN A 311 24.29 -18.14 9.81
N THR A 312 23.68 -16.95 9.85
CA THR A 312 22.86 -16.50 8.73
C THR A 312 23.72 -16.32 7.48
N LEU A 313 24.86 -15.61 7.61
CA LEU A 313 25.75 -15.42 6.47
C LEU A 313 26.41 -16.72 6.03
N SER A 314 26.59 -17.69 6.93
CA SER A 314 27.11 -18.96 6.49
C SER A 314 26.08 -19.76 5.69
N HIS A 315 24.80 -19.65 6.05
CA HIS A 315 23.76 -20.22 5.21
C HIS A 315 23.71 -19.55 3.84
N VAL A 316 23.87 -18.22 3.80
CA VAL A 316 23.89 -17.50 2.54
C VAL A 316 25.06 -17.97 1.69
N ARG A 317 26.23 -18.09 2.32
CA ARG A 317 27.41 -18.55 1.62
C ARG A 317 27.20 -19.94 1.02
N GLN A 318 26.46 -20.80 1.74
CA GLN A 318 26.24 -22.17 1.34
C GLN A 318 25.41 -22.26 0.07
N LEU A 319 24.63 -21.22 -0.24
CA LEU A 319 23.84 -21.19 -1.47
C LEU A 319 24.64 -20.73 -2.69
N LEU A 320 25.74 -20.01 -2.49
CA LEU A 320 26.43 -19.32 -3.58
C LEU A 320 27.42 -20.22 -4.30
N ALA A 321 27.42 -20.13 -5.62
CA ALA A 321 28.42 -20.80 -6.41
C ALA A 321 29.80 -20.16 -6.17
N PRO A 322 30.88 -20.95 -6.26
CA PRO A 322 32.22 -20.35 -6.24
C PRO A 322 32.31 -19.15 -7.17
N GLY A 323 32.68 -17.97 -6.63
CA GLY A 323 32.73 -16.76 -7.42
C GLY A 323 31.41 -16.05 -7.61
N GLY A 324 30.31 -16.60 -7.11
CA GLY A 324 29.01 -15.92 -7.13
C GLY A 324 29.00 -14.67 -6.27
N ILE A 325 27.89 -13.93 -6.37
CA ILE A 325 27.79 -12.56 -5.88
C ILE A 325 26.62 -12.43 -4.90
N LEU A 326 26.88 -11.89 -3.72
CA LEU A 326 25.85 -11.51 -2.77
C LEU A 326 25.60 -10.02 -2.89
N VAL A 327 24.32 -9.63 -3.01
CA VAL A 327 23.91 -8.23 -2.99
C VAL A 327 23.05 -8.04 -1.76
N LEU A 328 23.47 -7.13 -0.87
CA LEU A 328 22.77 -6.86 0.37
C LEU A 328 22.32 -5.42 0.38
N TYR A 329 21.12 -5.18 0.91
CA TYR A 329 20.59 -3.83 1.06
C TYR A 329 20.17 -3.73 2.53
N GLU A 330 20.81 -2.85 3.29
CA GLU A 330 20.65 -2.84 4.74
C GLU A 330 20.67 -1.40 5.23
N ALA A 331 19.81 -1.12 6.21
CA ALA A 331 19.95 0.10 6.98
C ALA A 331 21.12 -0.06 7.94
N THR A 332 21.85 1.04 8.15
CA THR A 332 23.07 0.99 8.96
C THR A 332 23.06 1.87 10.20
N THR A 333 21.97 2.58 10.48
CA THR A 333 21.95 3.46 11.64
C THR A 333 20.66 3.27 12.42
N ARG A 334 20.73 3.58 13.71
CA ARG A 334 19.55 3.56 14.56
C ARG A 334 18.55 4.58 14.06
N SER A 335 17.28 4.18 14.04
CA SER A 335 16.21 5.10 13.65
C SER A 335 15.01 4.87 14.56
N ARG A 336 14.55 5.94 15.23
CA ARG A 336 13.45 5.80 16.18
C ARG A 336 12.14 5.48 15.48
N TRP A 337 11.88 6.07 14.30
CA TRP A 337 10.64 5.74 13.62
C TRP A 337 10.65 4.30 13.12
N VAL A 338 11.82 3.78 12.76
CA VAL A 338 11.91 2.38 12.34
C VAL A 338 11.68 1.46 13.53
N ASP A 339 12.26 1.82 14.68
CA ASP A 339 12.00 1.07 15.91
C ASP A 339 10.50 0.94 16.18
N LEU A 340 9.71 1.96 15.85
CA LEU A 340 8.28 1.93 16.12
C LEU A 340 7.46 1.15 15.07
N ILE A 341 8.09 0.69 14.00
CA ILE A 341 7.44 -0.14 13.00
C ILE A 341 8.02 -1.55 13.08
N PHE A 342 9.17 -1.77 12.45
CA PHE A 342 9.80 -3.09 12.46
C PHE A 342 10.34 -3.48 13.83
N GLY A 343 10.48 -2.52 14.75
CA GLY A 343 10.94 -2.88 16.08
C GLY A 343 9.87 -3.50 16.94
N LEU A 344 8.62 -3.47 16.47
CA LEU A 344 7.53 -4.18 17.11
C LEU A 344 7.60 -5.68 16.89
N LEU A 345 8.33 -6.13 15.85
CA LEU A 345 8.31 -7.51 15.41
C LEU A 345 9.38 -8.33 16.11
N GLU A 346 9.14 -9.64 16.18
CA GLU A 346 10.09 -10.57 16.80
C GLU A 346 11.48 -10.48 16.19
N GLY A 347 11.55 -10.37 14.85
CA GLY A 347 12.85 -10.42 14.19
C GLY A 347 13.81 -9.32 14.63
N TRP A 348 13.27 -8.17 15.02
CA TRP A 348 14.13 -7.05 15.38
C TRP A 348 14.96 -7.37 16.61
N TRP A 349 14.43 -8.17 17.54
CA TRP A 349 15.09 -8.41 18.81
C TRP A 349 15.47 -9.87 18.96
N LYS A 350 15.56 -10.59 17.84
CA LYS A 350 15.96 -11.99 17.88
C LYS A 350 17.44 -12.12 18.24
N PHE A 351 18.24 -11.11 17.92
CA PHE A 351 19.70 -11.23 17.88
C PHE A 351 20.26 -11.68 19.21
N THR A 352 21.16 -12.65 19.16
CA THR A 352 21.82 -13.13 20.36
C THR A 352 23.35 -13.12 20.26
N ASP A 353 23.92 -12.62 19.15
CA ASP A 353 25.38 -12.58 18.99
C ASP A 353 25.91 -11.25 19.55
N TYR A 354 25.85 -11.16 20.88
CA TYR A 354 26.09 -9.90 21.57
C TYR A 354 27.52 -9.41 21.43
N GLU A 355 28.50 -10.30 21.27
CA GLU A 355 29.87 -9.88 20.99
C GLU A 355 29.97 -9.03 19.73
N LEU A 356 29.03 -9.19 18.80
CA LEU A 356 28.95 -8.36 17.60
C LEU A 356 27.81 -7.35 17.64
N ARG A 357 26.68 -7.70 18.27
CA ARG A 357 25.48 -6.85 18.27
C ARG A 357 24.95 -6.75 19.70
N PRO A 358 25.51 -5.83 20.50
CA PRO A 358 25.11 -5.78 21.93
C PRO A 358 23.67 -5.36 22.17
N ASP A 359 23.15 -4.36 21.43
CA ASP A 359 21.84 -3.85 21.79
C ASP A 359 20.97 -3.40 20.60
N TYR A 360 21.33 -3.76 19.36
CA TYR A 360 20.55 -3.34 18.19
C TYR A 360 20.81 -4.32 17.06
N PRO A 361 19.81 -4.68 16.28
CA PRO A 361 20.03 -5.71 15.26
C PRO A 361 20.89 -5.28 14.07
N LEU A 362 21.09 -3.97 13.83
CA LEU A 362 21.73 -3.54 12.59
C LEU A 362 23.23 -3.29 12.78
N LEU A 363 23.96 -3.44 11.68
CA LEU A 363 25.40 -3.20 11.60
C LEU A 363 25.66 -1.99 10.72
N ASN A 364 26.79 -1.31 10.96
CA ASN A 364 27.22 -0.24 10.07
C ASN A 364 28.08 -0.84 8.94
N ARG A 365 28.49 0.01 8.01
CA ARG A 365 29.27 -0.44 6.85
C ARG A 365 30.51 -1.24 7.25
N GLU A 366 31.27 -0.72 8.21
CA GLU A 366 32.52 -1.36 8.61
C GLU A 366 32.27 -2.68 9.31
N GLN A 367 31.20 -2.77 10.11
CA GLN A 367 30.85 -4.04 10.75
C GLN A 367 30.40 -5.08 9.73
N TRP A 368 29.71 -4.63 8.68
CA TRP A 368 29.25 -5.60 7.68
C TRP A 368 30.43 -6.17 6.92
N LYS A 369 31.38 -5.32 6.52
CA LYS A 369 32.59 -5.80 5.86
C LYS A 369 33.32 -6.82 6.71
N LYS A 370 33.36 -6.60 8.03
CA LYS A 370 34.12 -7.47 8.90
C LYS A 370 33.51 -8.86 8.96
N VAL A 371 32.20 -8.94 9.26
CA VAL A 371 31.60 -10.26 9.42
C VAL A 371 31.54 -10.98 8.08
N LEU A 372 31.39 -10.23 6.97
CA LEU A 372 31.42 -10.85 5.65
C LEU A 372 32.76 -11.50 5.37
N SER A 373 33.86 -10.83 5.75
CA SER A 373 35.17 -11.43 5.51
C SER A 373 35.39 -12.64 6.41
N GLU A 374 34.75 -12.65 7.59
CA GLU A 374 34.83 -13.80 8.49
C GLU A 374 33.99 -14.98 8.04
N THR A 375 32.98 -14.76 7.19
CA THR A 375 32.07 -15.81 6.79
C THR A 375 32.29 -16.26 5.34
N GLY A 376 33.51 -16.12 4.84
CA GLY A 376 33.86 -16.64 3.52
C GLY A 376 33.48 -15.78 2.34
N PHE A 377 33.48 -14.46 2.50
CA PHE A 377 33.29 -13.54 1.40
C PHE A 377 34.57 -12.71 1.23
N THR A 378 34.73 -12.14 0.03
CA THR A 378 35.85 -11.27 -0.30
C THR A 378 35.36 -10.17 -1.25
N GLN A 379 36.28 -9.26 -1.59
CA GLN A 379 35.99 -8.20 -2.55
C GLN A 379 34.71 -7.46 -2.19
N VAL A 380 34.62 -7.05 -0.93
CA VAL A 380 33.40 -6.44 -0.40
C VAL A 380 33.37 -4.98 -0.78
N VAL A 381 32.25 -4.55 -1.35
CA VAL A 381 32.02 -3.16 -1.76
C VAL A 381 30.82 -2.63 -0.98
N THR A 382 30.87 -1.37 -0.56
CA THR A 382 29.70 -0.74 0.02
C THR A 382 29.30 0.46 -0.84
N LEU A 383 28.01 0.61 -1.08
CA LEU A 383 27.53 1.64 -1.98
C LEU A 383 26.35 2.37 -1.35
N PRO A 384 26.15 3.65 -1.70
CA PRO A 384 27.07 4.48 -2.49
C PRO A 384 28.19 5.06 -1.62
N GLU A 385 29.27 5.55 -2.26
CA GLU A 385 30.35 6.28 -1.57
C GLU A 385 30.69 7.45 -2.48
N VAL A 386 29.87 8.48 -2.43
CA VAL A 386 30.07 9.70 -3.19
C VAL A 386 30.26 10.85 -2.20
N GLU A 387 31.11 11.80 -2.58
CA GLU A 387 31.58 12.83 -1.65
C GLU A 387 30.43 13.65 -1.05
N GLY A 388 29.78 14.46 -1.87
CA GLY A 388 28.73 15.32 -1.35
C GLY A 388 27.36 14.69 -1.34
N MET A 389 27.27 13.40 -1.04
CA MET A 389 25.94 12.79 -1.05
C MET A 389 25.21 13.12 0.24
N ALA A 390 23.89 13.01 0.18
CA ALA A 390 23.05 13.29 1.33
C ALA A 390 23.41 12.37 2.50
N GLU A 391 23.37 12.94 3.72
CA GLU A 391 23.58 12.14 4.92
C GLU A 391 22.67 10.92 4.94
N ALA A 392 21.44 11.05 4.41
CA ALA A 392 20.52 9.93 4.39
C ALA A 392 21.06 8.76 3.58
N LEU A 393 21.94 9.02 2.59
CA LEU A 393 22.56 7.93 1.82
C LEU A 393 23.62 7.18 2.61
N SER A 394 24.14 7.79 3.67
CA SER A 394 25.05 7.13 4.59
C SER A 394 24.34 6.26 5.63
N GLN A 395 23.02 6.44 5.78
CA GLN A 395 22.25 5.65 6.73
C GLN A 395 21.79 4.32 6.14
N GLN A 396 21.90 4.13 4.84
CA GLN A 396 21.60 2.87 4.20
C GLN A 396 22.73 2.53 3.23
N THR A 397 22.89 1.24 2.93
CA THR A 397 23.97 0.83 2.05
C THR A 397 23.52 -0.37 1.21
N VAL A 398 24.11 -0.45 0.02
CA VAL A 398 24.08 -1.66 -0.79
C VAL A 398 25.49 -2.24 -0.67
N ILE A 399 25.57 -3.48 -0.24
CA ILE A 399 26.83 -4.18 -0.08
C ILE A 399 26.89 -5.28 -1.11
N VAL A 400 27.97 -5.30 -1.89
CA VAL A 400 28.24 -6.34 -2.88
C VAL A 400 29.48 -7.09 -2.44
N ALA A 401 29.42 -8.42 -2.48
CA ALA A 401 30.50 -9.27 -2.02
C ALA A 401 30.54 -10.53 -2.87
N GLN A 402 31.71 -11.16 -2.90
CA GLN A 402 31.95 -12.32 -3.72
C GLN A 402 32.24 -13.52 -2.85
N ALA A 403 31.60 -14.65 -3.16
CA ALA A 403 31.93 -15.90 -2.49
C ALA A 403 33.37 -16.28 -2.78
N ALA A 404 34.13 -16.55 -1.72
CA ALA A 404 35.58 -16.74 -1.82
C ALA A 404 35.88 -18.18 -2.23
N SER A 405 36.17 -18.37 -3.51
CA SER A 405 36.55 -19.68 -4.02
C SER A 405 37.91 -20.12 -3.49
N LEU B 30 -21.59 -10.08 -33.12
CA LEU B 30 -21.03 -8.97 -32.35
C LEU B 30 -20.59 -9.41 -30.96
N LEU B 31 -19.87 -8.54 -30.26
CA LEU B 31 -19.66 -8.72 -28.83
C LEU B 31 -20.99 -8.38 -28.16
N ASP B 32 -21.86 -9.36 -27.98
CA ASP B 32 -23.16 -9.13 -27.37
C ASP B 32 -23.06 -9.29 -25.86
N PRO B 33 -23.27 -8.21 -25.06
CA PRO B 33 -23.17 -8.36 -23.60
C PRO B 33 -24.03 -9.47 -23.02
N VAL B 34 -25.29 -9.56 -23.47
CA VAL B 34 -26.20 -10.59 -22.99
C VAL B 34 -25.68 -11.99 -23.29
N GLU B 35 -25.15 -12.19 -24.50
CA GLU B 35 -24.67 -13.53 -24.84
C GLU B 35 -23.38 -13.85 -24.09
N VAL B 36 -22.49 -12.86 -23.94
CA VAL B 36 -21.33 -13.03 -23.08
C VAL B 36 -21.75 -13.41 -21.67
N SER B 37 -22.70 -12.65 -21.09
CA SER B 37 -23.10 -12.89 -19.71
C SER B 37 -23.68 -14.29 -19.54
N GLN B 38 -24.42 -14.77 -20.55
CA GLN B 38 -24.98 -16.11 -20.45
C GLN B 38 -23.90 -17.18 -20.38
N GLN B 39 -22.81 -17.00 -21.13
CA GLN B 39 -21.78 -18.03 -21.19
C GLN B 39 -20.89 -18.03 -19.95
N LEU B 40 -20.72 -16.88 -19.30
CA LEU B 40 -20.00 -16.81 -18.03
C LEU B 40 -20.86 -17.17 -16.83
N ALA B 41 -22.18 -17.24 -17.00
CA ALA B 41 -23.07 -17.28 -15.85
C ALA B 41 -22.92 -18.57 -15.03
N PRO B 42 -22.77 -19.75 -15.64
CA PRO B 42 -22.41 -20.92 -14.82
C PRO B 42 -21.22 -20.69 -13.90
N SER B 43 -20.13 -20.09 -14.42
CA SER B 43 -18.94 -19.92 -13.60
C SER B 43 -19.08 -18.77 -12.59
N LEU B 44 -19.94 -17.78 -12.87
CA LEU B 44 -20.22 -16.77 -11.86
C LEU B 44 -20.87 -17.40 -10.63
N THR B 45 -21.69 -18.42 -10.84
CA THR B 45 -22.34 -19.12 -9.73
C THR B 45 -21.30 -19.67 -8.76
N GLU B 46 -20.16 -20.13 -9.29
CA GLU B 46 -19.10 -20.61 -8.41
C GLU B 46 -18.31 -19.45 -7.84
N LEU B 47 -18.09 -18.41 -8.65
CA LEU B 47 -17.31 -17.25 -8.20
C LEU B 47 -17.93 -16.64 -6.95
N VAL B 48 -19.22 -16.35 -6.98
CA VAL B 48 -19.89 -15.66 -5.90
C VAL B 48 -19.90 -16.47 -4.59
N THR B 49 -19.46 -17.72 -4.61
CA THR B 49 -19.43 -18.53 -3.39
C THR B 49 -18.10 -18.44 -2.67
N LEU B 50 -17.01 -18.14 -3.38
CA LEU B 50 -15.73 -17.90 -2.71
C LEU B 50 -15.85 -16.81 -1.67
N LEU B 51 -16.74 -15.85 -1.90
CA LEU B 51 -17.09 -14.87 -0.88
C LEU B 51 -18.02 -15.51 0.14
N ASP B 52 -17.68 -15.35 1.42
CA ASP B 52 -18.50 -15.87 2.51
C ASP B 52 -19.58 -14.85 2.89
N ASN B 53 -20.84 -15.29 2.88
CA ASN B 53 -21.95 -14.38 3.18
C ASN B 53 -21.86 -13.84 4.60
N ALA B 54 -21.60 -14.73 5.57
CA ALA B 54 -21.57 -14.31 6.97
C ALA B 54 -20.45 -13.31 7.23
N ARG B 55 -19.21 -13.67 6.85
CA ARG B 55 -18.06 -12.87 7.24
C ARG B 55 -18.15 -11.45 6.70
N THR B 56 -18.35 -11.30 5.39
CA THR B 56 -18.38 -9.95 4.83
C THR B 56 -19.61 -9.18 5.27
N SER B 57 -20.64 -9.86 5.75
CA SER B 57 -21.79 -9.15 6.31
C SER B 57 -21.44 -8.52 7.66
N GLU B 58 -20.80 -9.30 8.54
CA GLU B 58 -20.28 -8.76 9.79
C GLU B 58 -19.46 -7.51 9.56
N ILE B 59 -18.37 -7.64 8.79
CA ILE B 59 -17.43 -6.53 8.58
C ILE B 59 -18.13 -5.32 7.99
N GLY B 60 -19.17 -5.53 7.18
CA GLY B 60 -19.89 -4.40 6.63
C GLY B 60 -20.65 -3.64 7.70
N THR B 61 -21.38 -4.38 8.55
CA THR B 61 -22.13 -3.72 9.62
C THR B 61 -21.19 -2.98 10.57
N GLN B 62 -20.06 -3.60 10.93
CA GLN B 62 -19.21 -2.97 11.93
C GLN B 62 -18.47 -1.75 11.38
N LEU B 63 -18.06 -1.82 10.10
CA LEU B 63 -17.57 -0.60 9.44
C LEU B 63 -18.64 0.49 9.44
N GLU B 64 -19.89 0.12 9.18
CA GLU B 64 -20.96 1.10 9.19
C GLU B 64 -21.12 1.74 10.56
N GLU B 65 -20.97 0.94 11.63
CA GLU B 65 -21.11 1.51 12.97
C GLU B 65 -19.84 2.21 13.44
N LEU B 66 -18.69 1.77 12.95
CA LEU B 66 -17.43 2.46 13.24
C LEU B 66 -17.46 3.87 12.69
N SER B 67 -17.92 4.03 11.44
CA SER B 67 -18.09 5.35 10.86
C SER B 67 -18.75 6.33 11.83
N VAL B 68 -19.84 5.88 12.47
CA VAL B 68 -20.60 6.77 13.35
C VAL B 68 -19.68 7.36 14.42
N ASP B 69 -18.83 6.51 15.01
CA ASP B 69 -17.92 7.01 16.04
C ASP B 69 -16.92 8.01 15.48
N TYR B 70 -16.37 7.74 14.28
CA TYR B 70 -15.44 8.71 13.71
C TYR B 70 -16.08 10.08 13.58
N ILE B 71 -17.33 10.11 13.12
CA ILE B 71 -18.07 11.36 12.97
C ILE B 71 -18.30 12.02 14.33
N VAL B 72 -18.73 11.24 15.33
CA VAL B 72 -18.94 11.82 16.65
C VAL B 72 -17.63 12.33 17.21
N GLN B 73 -16.57 11.53 17.10
CA GLN B 73 -15.24 11.98 17.49
C GLN B 73 -14.84 13.26 16.77
N GLY B 74 -15.16 13.36 15.48
CA GLY B 74 -14.79 14.56 14.75
C GLY B 74 -15.56 15.78 15.19
N LEU B 75 -16.90 15.66 15.30
CA LEU B 75 -17.73 16.80 15.66
C LEU B 75 -17.47 17.26 17.10
N LEU B 76 -17.08 16.35 17.98
CA LEU B 76 -16.69 16.75 19.32
C LEU B 76 -15.37 17.51 19.30
N GLN B 77 -14.40 17.06 18.50
CA GLN B 77 -13.14 17.80 18.41
C GLN B 77 -13.37 19.23 17.95
N MET B 78 -14.38 19.44 17.10
CA MET B 78 -14.75 20.78 16.64
C MET B 78 -15.58 21.55 17.64
N GLY B 79 -15.93 20.97 18.79
CA GLY B 79 -16.66 21.68 19.81
C GLY B 79 -18.14 21.40 19.88
N TRP B 80 -18.63 20.34 19.24
CA TRP B 80 -20.03 19.97 19.32
C TRP B 80 -20.50 19.95 20.77
N SER B 81 -21.38 20.87 21.12
CA SER B 81 -21.93 20.93 22.47
C SER B 81 -23.44 21.08 22.43
N TYR B 82 -24.08 20.55 21.39
CA TYR B 82 -25.53 20.55 21.32
C TYR B 82 -26.10 19.50 22.27
N GLN B 83 -27.11 19.89 23.05
CA GLN B 83 -27.80 19.07 24.03
C GLN B 83 -29.13 18.60 23.46
N PRO B 84 -29.69 17.51 24.00
CA PRO B 84 -30.99 17.03 23.52
C PRO B 84 -32.07 18.12 23.53
N THR B 85 -32.97 18.03 22.55
CA THR B 85 -34.05 18.97 22.26
C THR B 85 -33.54 20.30 21.71
N GLU B 86 -32.22 20.52 21.72
CA GLU B 86 -31.72 21.71 21.05
C GLU B 86 -31.92 21.57 19.54
N SER B 87 -31.92 22.73 18.87
CA SER B 87 -32.23 22.77 17.44
C SER B 87 -31.25 23.70 16.75
N PHE B 88 -30.88 23.35 15.53
CA PHE B 88 -29.96 24.17 14.75
C PHE B 88 -30.18 23.90 13.28
N ASP B 89 -29.93 24.92 12.46
CA ASP B 89 -29.91 24.71 11.03
C ASP B 89 -28.48 24.39 10.57
N LEU B 90 -28.38 23.88 9.34
CA LEU B 90 -27.10 23.39 8.83
C LEU B 90 -26.04 24.49 8.85
N ASP B 91 -26.40 25.71 8.41
CA ASP B 91 -25.41 26.77 8.23
C ASP B 91 -24.80 27.20 9.57
N ALA B 92 -25.64 27.47 10.57
CA ALA B 92 -25.13 27.92 11.85
C ALA B 92 -24.22 26.87 12.48
N ALA B 93 -24.61 25.59 12.40
CA ALA B 93 -23.77 24.52 12.94
C ALA B 93 -22.43 24.47 12.23
N ALA B 94 -22.45 24.45 10.90
CA ALA B 94 -21.23 24.50 10.12
C ALA B 94 -20.39 25.71 10.53
N GLN B 95 -21.03 26.88 10.62
CA GLN B 95 -20.28 28.09 10.95
C GLN B 95 -19.78 28.04 12.38
N CYS B 96 -20.59 27.52 13.31
CA CYS B 96 -20.15 27.40 14.71
C CYS B 96 -18.97 26.45 14.84
N LEU B 97 -19.08 25.26 14.26
CA LEU B 97 -18.00 24.29 14.34
C LEU B 97 -16.82 24.68 13.46
N GLY B 98 -16.97 25.64 12.56
CA GLY B 98 -15.89 26.02 11.68
C GLY B 98 -15.76 25.13 10.46
N VAL B 99 -16.84 24.54 9.97
CA VAL B 99 -16.79 23.78 8.73
C VAL B 99 -16.59 24.75 7.58
N VAL B 100 -15.43 24.65 6.92
CA VAL B 100 -15.12 25.51 5.78
C VAL B 100 -16.18 25.31 4.71
N PRO B 101 -16.47 26.32 3.89
CA PRO B 101 -17.65 26.23 3.01
C PRO B 101 -17.66 25.03 2.07
N THR B 102 -16.50 24.55 1.60
CA THR B 102 -16.52 23.44 0.66
C THR B 102 -16.74 22.09 1.32
N GLN B 103 -16.70 22.00 2.65
CA GLN B 103 -16.97 20.74 3.30
C GLN B 103 -18.38 20.69 3.88
N VAL B 104 -19.22 21.68 3.57
CA VAL B 104 -20.54 21.75 4.17
C VAL B 104 -21.45 20.70 3.55
N ARG B 105 -21.34 20.47 2.24
CA ARG B 105 -22.08 19.39 1.61
C ARG B 105 -21.80 18.06 2.33
N LEU B 106 -20.52 17.73 2.51
CA LEU B 106 -20.20 16.51 3.25
C LEU B 106 -20.72 16.57 4.67
N PHE B 107 -20.65 17.76 5.30
CA PHE B 107 -21.12 17.91 6.67
C PHE B 107 -22.61 17.56 6.80
N GLU B 108 -23.43 18.07 5.88
CA GLU B 108 -24.86 17.76 5.90
C GLU B 108 -25.11 16.26 5.81
N ARG B 109 -24.31 15.56 5.01
CA ARG B 109 -24.45 14.12 4.92
C ARG B 109 -24.02 13.43 6.21
N LEU B 110 -23.00 13.96 6.89
CA LEU B 110 -22.68 13.43 8.21
C LEU B 110 -23.86 13.63 9.17
N LEU B 111 -24.55 14.78 9.07
CA LEU B 111 -25.72 14.96 9.92
C LEU B 111 -26.80 13.98 9.54
N GLN B 112 -26.92 13.68 8.24
CA GLN B 112 -27.91 12.73 7.78
C GLN B 112 -27.62 11.34 8.34
N ILE B 113 -26.34 11.00 8.47
CA ILE B 113 -25.94 9.74 9.07
C ILE B 113 -26.27 9.71 10.55
N LEU B 114 -26.02 10.82 11.26
CA LEU B 114 -26.41 10.89 12.66
C LEU B 114 -27.90 10.64 12.82
N ALA B 115 -28.70 11.18 11.90
CA ALA B 115 -30.14 10.99 11.97
C ALA B 115 -30.52 9.53 11.76
N GLU B 116 -29.80 8.83 10.88
CA GLU B 116 -30.10 7.43 10.61
C GLU B 116 -30.00 6.59 11.86
N VAL B 117 -29.05 6.87 12.73
CA VAL B 117 -28.85 6.09 13.94
C VAL B 117 -29.58 6.69 15.14
N GLY B 118 -30.40 7.71 14.93
CA GLY B 118 -31.23 8.26 15.98
C GLY B 118 -30.63 9.40 16.77
N ILE B 119 -29.35 9.73 16.57
CA ILE B 119 -28.74 10.81 17.33
C ILE B 119 -29.43 12.14 17.03
N LEU B 120 -29.78 12.37 15.76
CA LEU B 120 -30.51 13.56 15.32
C LEU B 120 -31.80 13.16 14.63
N GLN B 121 -32.58 14.17 14.27
CA GLN B 121 -33.79 14.03 13.48
C GLN B 121 -33.96 15.30 12.66
N SER B 122 -34.59 15.18 11.49
CA SER B 122 -34.60 16.25 10.50
C SER B 122 -36.03 16.71 10.24
N ASN B 123 -36.24 18.03 10.35
CA ASN B 123 -37.50 18.68 9.98
C ASN B 123 -37.13 19.83 9.04
N GLN B 124 -37.20 19.58 7.75
CA GLN B 124 -36.67 20.50 6.73
C GLN B 124 -35.17 20.64 7.01
N GLN B 125 -34.60 21.84 6.95
CA GLN B 125 -33.17 22.01 7.20
C GLN B 125 -32.83 21.90 8.68
N GLN B 126 -33.78 22.20 9.56
CA GLN B 126 -33.53 22.18 10.99
C GLN B 126 -33.24 20.78 11.49
N TRP B 127 -32.20 20.67 12.32
CA TRP B 127 -31.88 19.44 13.03
C TRP B 127 -32.22 19.62 14.51
N GLN B 128 -32.68 18.55 15.14
CA GLN B 128 -32.84 18.51 16.59
C GLN B 128 -31.97 17.40 17.15
N VAL B 129 -31.33 17.69 18.28
CA VAL B 129 -30.59 16.68 19.02
C VAL B 129 -31.57 15.78 19.74
N GLN B 130 -31.53 14.48 19.43
CA GLN B 130 -32.38 13.53 20.14
C GLN B 130 -31.71 12.97 21.38
N LYS B 131 -30.40 12.79 21.35
CA LYS B 131 -29.73 12.22 22.50
C LYS B 131 -28.28 12.68 22.51
N THR B 132 -27.65 12.55 23.68
CA THR B 132 -26.33 13.10 23.90
C THR B 132 -25.29 12.46 22.99
N ALA B 133 -24.45 13.30 22.37
CA ALA B 133 -23.26 12.83 21.70
C ALA B 133 -22.26 12.33 22.73
N GLN B 134 -21.93 11.05 22.68
CA GLN B 134 -21.07 10.41 23.68
C GLN B 134 -19.66 10.21 23.14
N LYS B 135 -18.67 10.54 23.98
CA LYS B 135 -17.26 10.38 23.62
C LYS B 135 -16.91 8.90 23.48
N VAL B 136 -16.08 8.61 22.49
CA VAL B 136 -15.76 7.25 22.09
C VAL B 136 -14.36 7.25 21.51
N ASN B 137 -13.76 6.06 21.38
CA ASN B 137 -12.38 5.90 20.95
C ASN B 137 -12.35 5.03 19.70
N PRO B 138 -12.79 5.58 18.55
CA PRO B 138 -12.92 4.72 17.35
C PRO B 138 -11.61 4.09 16.94
N SER B 139 -10.49 4.77 17.14
CA SER B 139 -9.20 4.18 16.76
C SER B 139 -8.95 2.90 17.53
N LYS B 140 -9.46 2.82 18.77
CA LYS B 140 -9.37 1.58 19.53
C LYS B 140 -10.19 0.48 18.87
N GLN B 141 -11.43 0.79 18.48
CA GLN B 141 -12.27 -0.19 17.80
C GLN B 141 -11.69 -0.55 16.42
N SER B 142 -11.17 0.44 15.69
CA SER B 142 -10.49 0.12 14.44
C SER B 142 -9.38 -0.91 14.67
N GLN B 143 -8.66 -0.79 15.78
CA GLN B 143 -7.63 -1.76 16.09
C GLN B 143 -8.23 -3.13 16.38
N SER B 144 -9.32 -3.17 17.13
CA SER B 144 -9.98 -4.44 17.41
C SER B 144 -10.45 -5.11 16.13
N LEU B 145 -10.96 -4.32 15.20
CA LEU B 145 -11.40 -4.85 13.91
C LEU B 145 -10.22 -5.34 13.09
N LEU B 146 -9.10 -4.62 13.12
CA LEU B 146 -7.93 -5.01 12.34
C LEU B 146 -7.35 -6.33 12.83
N SER B 147 -7.20 -6.48 14.14
CA SER B 147 -6.69 -7.75 14.65
C SER B 147 -7.76 -8.83 14.71
N GLN B 148 -8.97 -8.55 14.21
CA GLN B 148 -9.98 -9.58 13.99
C GLN B 148 -10.26 -9.85 12.52
N TYR B 149 -10.22 -8.80 11.67
CA TYR B 149 -10.45 -8.94 10.23
C TYR B 149 -9.27 -8.38 9.43
N PRO B 150 -8.07 -8.96 9.59
CA PRO B 150 -6.89 -8.42 8.89
C PRO B 150 -6.98 -8.51 7.37
N ASP B 151 -7.90 -9.28 6.80
CA ASP B 151 -8.08 -9.28 5.35
C ASP B 151 -8.64 -7.95 4.84
N GLU B 152 -9.30 -7.18 5.71
CA GLU B 152 -9.84 -5.86 5.38
C GLU B 152 -8.92 -4.75 5.88
N ALA B 153 -7.64 -5.05 6.03
CA ALA B 153 -6.70 -4.08 6.57
C ALA B 153 -6.64 -2.82 5.71
N ALA B 154 -6.69 -2.98 4.38
CA ALA B 154 -6.60 -1.82 3.50
C ALA B 154 -7.71 -0.82 3.80
N THR B 155 -8.94 -1.31 3.90
CA THR B 155 -10.10 -0.46 4.18
C THR B 155 -9.97 0.22 5.54
N LEU B 156 -9.56 -0.53 6.56
CA LEU B 156 -9.47 0.02 7.92
C LEU B 156 -8.36 1.05 8.02
N THR B 157 -7.22 0.76 7.40
CA THR B 157 -6.09 1.70 7.42
C THR B 157 -6.46 3.01 6.73
N LEU B 158 -7.18 2.92 5.61
CA LEU B 158 -7.54 4.11 4.87
C LEU B 158 -8.64 4.89 5.56
N LEU B 159 -9.64 4.17 6.09
CA LEU B 159 -10.64 4.83 6.92
C LEU B 159 -10.00 5.58 8.08
N GLU B 160 -9.04 4.94 8.76
CA GLU B 160 -8.36 5.61 9.87
C GLU B 160 -7.61 6.86 9.39
N ARG B 161 -6.94 6.79 8.24
CA ARG B 161 -6.17 7.95 7.79
C ARG B 161 -7.08 9.10 7.41
N CYS B 162 -8.23 8.81 6.81
CA CYS B 162 -9.17 9.86 6.47
C CYS B 162 -10.07 10.22 7.65
N ALA B 163 -10.77 9.23 8.22
CA ALA B 163 -11.85 9.52 9.16
C ALA B 163 -11.32 10.12 10.46
N SER B 164 -10.33 9.49 11.06
CA SER B 164 -9.74 10.06 12.26
C SER B 164 -9.10 11.42 12.01
N GLN B 165 -9.26 11.96 10.81
CA GLN B 165 -8.79 13.28 10.46
C GLN B 165 -9.94 14.23 10.16
N LEU B 166 -11.18 13.79 10.35
CA LEU B 166 -12.35 14.51 9.89
C LEU B 166 -12.28 16.01 10.23
N SER B 167 -12.12 16.34 11.52
CA SER B 167 -12.16 17.75 11.93
C SER B 167 -11.18 18.59 11.13
N GLY B 168 -9.93 18.13 11.02
CA GLY B 168 -8.97 18.83 10.17
C GLY B 168 -9.44 19.00 8.74
N VAL B 169 -10.01 17.96 8.15
CA VAL B 169 -10.55 18.08 6.79
C VAL B 169 -11.72 19.05 6.77
N LEU B 170 -12.64 18.90 7.73
CA LEU B 170 -13.80 19.80 7.80
C LEU B 170 -13.37 21.25 8.02
N ARG B 171 -12.27 21.47 8.74
CA ARG B 171 -11.78 22.82 8.99
C ARG B 171 -10.83 23.32 7.91
N GLY B 172 -10.75 22.61 6.78
CA GLY B 172 -9.91 23.06 5.67
C GLY B 172 -8.44 23.12 5.98
N GLU B 173 -7.99 22.44 7.04
CA GLU B 173 -6.58 22.44 7.38
C GLU B 173 -5.78 21.47 6.52
N ILE B 174 -6.40 20.41 6.02
CA ILE B 174 -5.71 19.47 5.14
C ILE B 174 -6.57 19.24 3.91
N ASP B 175 -5.93 19.27 2.75
CA ASP B 175 -6.59 18.87 1.52
C ASP B 175 -6.87 17.38 1.59
N PRO B 176 -8.13 16.96 1.45
CA PRO B 176 -8.43 15.52 1.48
C PRO B 176 -7.69 14.70 0.45
N VAL B 177 -7.31 15.28 -0.69
CA VAL B 177 -6.56 14.52 -1.69
C VAL B 177 -5.33 13.89 -1.05
N GLN B 178 -4.63 14.65 -0.20
CA GLN B 178 -3.44 14.12 0.47
C GLN B 178 -3.79 13.04 1.49
N LEU B 179 -5.05 12.90 1.86
CA LEU B 179 -5.47 11.80 2.71
C LEU B 179 -5.80 10.55 1.90
N VAL B 180 -6.51 10.71 0.79
CA VAL B 180 -6.92 9.58 -0.02
C VAL B 180 -5.83 9.19 -1.02
N PHE B 181 -5.30 10.15 -1.79
CA PHE B 181 -4.28 9.87 -2.82
C PHE B 181 -3.02 10.72 -2.66
N PRO B 182 -2.30 10.62 -1.53
CA PRO B 182 -1.00 11.30 -1.44
C PRO B 182 -0.02 10.63 -2.39
N GLN B 183 0.82 11.44 -3.04
CA GLN B 183 1.70 10.87 -4.06
C GLN B 183 2.66 9.84 -3.48
N GLY B 184 2.98 9.93 -2.20
CA GLY B 184 3.84 8.91 -1.62
C GLY B 184 3.16 7.56 -1.48
N ASP B 185 1.83 7.56 -1.34
CA ASP B 185 1.03 6.34 -1.14
C ASP B 185 -0.26 6.48 -1.97
N LEU B 186 -0.15 6.17 -3.26
CA LEU B 186 -1.31 6.09 -4.13
C LEU B 186 -1.93 4.70 -4.16
N THR B 187 -1.28 3.71 -3.53
CA THR B 187 -1.74 2.34 -3.65
C THR B 187 -2.79 1.94 -2.61
N THR B 188 -2.76 2.51 -1.40
CA THR B 188 -3.69 2.08 -0.35
C THR B 188 -5.13 2.09 -0.85
N ALA B 189 -5.53 3.18 -1.51
CA ALA B 189 -6.88 3.27 -2.06
C ALA B 189 -7.09 2.32 -3.24
N THR B 190 -6.01 1.89 -3.89
CA THR B 190 -6.17 0.89 -4.92
C THR B 190 -6.31 -0.51 -4.31
N GLN B 191 -5.59 -0.77 -3.21
CA GLN B 191 -5.81 -2.03 -2.48
C GLN B 191 -7.24 -2.15 -2.00
N LEU B 192 -7.96 -1.03 -1.88
CA LEU B 192 -9.36 -1.09 -1.50
C LEU B 192 -10.20 -1.69 -2.63
N TYR B 193 -10.01 -1.19 -3.84
CA TYR B 193 -10.82 -1.62 -4.98
C TYR B 193 -10.11 -2.64 -5.84
N LYS B 194 -9.10 -3.33 -5.30
CA LYS B 194 -8.47 -4.47 -5.96
C LYS B 194 -8.49 -5.71 -5.09
N ASP B 195 -7.97 -5.62 -3.86
CA ASP B 195 -7.86 -6.75 -2.95
C ASP B 195 -8.71 -6.49 -1.71
N SER B 196 -10.03 -6.49 -1.92
CA SER B 196 -10.99 -6.61 -0.85
C SER B 196 -11.97 -7.71 -1.25
N ALA B 197 -12.60 -8.34 -0.25
CA ALA B 197 -13.43 -9.53 -0.49
C ALA B 197 -14.33 -9.35 -1.72
N VAL B 198 -15.10 -8.27 -1.75
CA VAL B 198 -16.05 -8.05 -2.83
C VAL B 198 -15.31 -7.68 -4.10
N ALA B 199 -14.42 -6.68 -4.03
CA ALA B 199 -13.71 -6.21 -5.21
C ALA B 199 -13.02 -7.35 -5.96
N LYS B 200 -12.63 -8.40 -5.23
CA LYS B 200 -12.01 -9.56 -5.86
C LYS B 200 -12.99 -10.24 -6.81
N VAL B 201 -14.19 -10.56 -6.32
CA VAL B 201 -15.22 -11.14 -7.18
C VAL B 201 -15.55 -10.19 -8.33
N MET B 202 -15.76 -8.93 -8.01
CA MET B 202 -16.19 -7.99 -9.03
C MET B 202 -15.11 -7.76 -10.09
N ASN B 203 -13.84 -7.80 -9.69
CA ASN B 203 -12.80 -7.62 -10.71
C ASN B 203 -12.62 -8.88 -11.56
N THR B 204 -12.86 -10.06 -10.99
CA THR B 204 -12.84 -11.28 -11.80
C THR B 204 -13.96 -11.27 -12.83
N ILE B 205 -15.12 -10.74 -12.46
CA ILE B 205 -16.23 -10.61 -13.40
C ILE B 205 -15.82 -9.72 -14.56
N VAL B 206 -15.25 -8.56 -14.25
CA VAL B 206 -14.73 -7.65 -15.26
C VAL B 206 -13.78 -8.40 -16.20
N GLU B 207 -12.84 -9.15 -15.59
CA GLU B 207 -11.86 -9.88 -16.37
C GLU B 207 -12.53 -10.99 -17.19
N LYS B 208 -13.48 -11.70 -16.59
CA LYS B 208 -14.17 -12.75 -17.33
C LYS B 208 -15.00 -12.17 -18.47
N VAL B 209 -15.60 -11.00 -18.25
CA VAL B 209 -16.45 -10.41 -19.29
C VAL B 209 -15.62 -10.05 -20.51
N ILE B 210 -14.49 -9.37 -20.29
CA ILE B 210 -13.69 -8.90 -21.40
C ILE B 210 -13.10 -10.08 -22.16
N MET B 211 -12.63 -11.11 -21.44
CA MET B 211 -12.04 -12.25 -22.12
C MET B 211 -13.10 -13.04 -22.90
N LYS B 212 -14.27 -13.27 -22.29
CA LYS B 212 -15.32 -13.99 -23.00
C LYS B 212 -15.80 -13.21 -24.22
N ALA B 213 -15.95 -11.89 -24.11
CA ALA B 213 -16.30 -11.10 -25.28
C ALA B 213 -15.18 -11.07 -26.32
N MET B 214 -13.94 -11.34 -25.92
CA MET B 214 -12.83 -11.31 -26.86
C MET B 214 -12.87 -12.50 -27.81
N GLU B 215 -13.31 -13.67 -27.32
CA GLU B 215 -13.34 -14.92 -28.07
C GLU B 215 -13.92 -14.74 -29.46
N LYS B 216 -14.64 -13.64 -29.69
CA LYS B 216 -15.53 -13.56 -30.84
C LYS B 216 -14.81 -13.49 -32.19
N LEU B 217 -13.54 -13.03 -32.26
CA LEU B 217 -12.92 -12.78 -33.57
C LEU B 217 -11.43 -13.05 -33.53
N PRO B 218 -10.85 -13.54 -34.63
CA PRO B 218 -9.52 -14.18 -34.56
C PRO B 218 -8.46 -13.60 -35.49
N PRO B 219 -8.79 -12.74 -36.47
CA PRO B 219 -7.92 -12.68 -37.65
C PRO B 219 -6.79 -11.65 -37.56
N SER B 220 -6.84 -10.67 -38.48
CA SER B 220 -5.88 -9.58 -38.56
C SER B 220 -6.35 -8.35 -37.81
N ARG B 221 -7.48 -8.46 -37.11
CA ARG B 221 -8.09 -7.31 -36.48
C ARG B 221 -7.49 -7.13 -35.09
N GLY B 222 -6.86 -5.99 -34.88
CA GLY B 222 -6.57 -5.57 -33.53
C GLY B 222 -7.84 -5.21 -32.79
N ILE B 223 -7.79 -5.31 -31.46
CA ILE B 223 -8.84 -4.82 -30.58
C ILE B 223 -8.32 -3.65 -29.78
N ARG B 224 -9.13 -2.62 -29.65
CA ARG B 224 -8.78 -1.40 -28.95
C ARG B 224 -9.58 -1.30 -27.67
N LEU B 225 -8.89 -1.27 -26.54
CA LEU B 225 -9.49 -1.07 -25.24
C LEU B 225 -9.05 0.27 -24.70
N LEU B 226 -9.90 0.88 -23.87
CA LEU B 226 -9.52 2.12 -23.22
C LEU B 226 -10.14 2.14 -21.84
N GLU B 227 -9.36 2.51 -20.83
CA GLU B 227 -9.87 2.53 -19.47
C GLU B 227 -9.93 3.97 -18.99
N ILE B 228 -11.10 4.37 -18.49
CA ILE B 228 -11.30 5.71 -17.92
C ILE B 228 -11.13 5.61 -16.42
N GLY B 229 -10.45 6.61 -15.84
CA GLY B 229 -10.28 6.71 -14.39
C GLY B 229 -9.62 5.48 -13.79
N ALA B 230 -8.53 5.04 -14.40
CA ALA B 230 -7.89 3.78 -14.07
C ALA B 230 -7.05 3.84 -12.80
N GLY B 231 -6.93 5.02 -12.17
CA GLY B 231 -6.25 5.07 -10.88
C GLY B 231 -4.85 4.54 -11.04
N THR B 232 -4.43 3.62 -10.17
CA THR B 232 -3.15 2.94 -10.37
C THR B 232 -3.35 1.49 -10.81
N GLY B 233 -4.47 1.21 -11.45
CA GLY B 233 -4.60 -0.05 -12.15
C GLY B 233 -5.12 -1.20 -11.32
N GLY B 234 -5.95 -0.91 -10.33
CA GLY B 234 -6.52 -1.95 -9.50
C GLY B 234 -7.29 -2.94 -10.35
N THR B 235 -8.26 -2.45 -11.12
CA THR B 235 -8.97 -3.33 -12.05
C THR B 235 -8.10 -3.67 -13.25
N THR B 236 -7.23 -2.74 -13.67
CA THR B 236 -6.36 -2.97 -14.82
C THR B 236 -5.59 -4.28 -14.69
N SER B 237 -5.05 -4.54 -13.50
CA SER B 237 -4.17 -5.68 -13.30
C SER B 237 -4.88 -7.02 -13.45
N TYR B 238 -6.21 -7.04 -13.38
CA TYR B 238 -6.93 -8.29 -13.61
C TYR B 238 -7.04 -8.58 -15.10
N ILE B 239 -7.06 -7.54 -15.92
CA ILE B 239 -7.27 -7.71 -17.36
C ILE B 239 -5.94 -8.01 -18.07
N LEU B 240 -4.91 -7.22 -17.80
CA LEU B 240 -3.66 -7.28 -18.56
C LEU B 240 -3.12 -8.68 -18.81
N PRO B 241 -3.06 -9.60 -17.84
CA PRO B 241 -2.41 -10.90 -18.09
C PRO B 241 -3.09 -11.77 -19.14
N HIS B 242 -4.31 -11.44 -19.58
CA HIS B 242 -5.04 -12.30 -20.50
C HIS B 242 -5.03 -11.77 -21.93
N LEU B 243 -4.74 -10.50 -22.12
CA LEU B 243 -4.77 -9.89 -23.43
C LEU B 243 -3.60 -10.39 -24.27
N ASN B 244 -3.87 -10.66 -25.55
CA ASN B 244 -2.81 -11.02 -26.49
C ASN B 244 -2.08 -9.76 -26.90
N PRO B 245 -0.81 -9.59 -26.52
CA PRO B 245 -0.12 -8.34 -26.83
C PRO B 245 -0.03 -8.04 -28.32
N ASN B 246 -0.08 -9.05 -29.18
CA ASN B 246 0.10 -8.85 -30.61
C ASN B 246 -1.15 -8.36 -31.33
N GLN B 247 -2.33 -8.49 -30.73
CA GLN B 247 -3.53 -7.99 -31.39
C GLN B 247 -4.35 -7.07 -30.49
N THR B 248 -3.75 -6.51 -29.44
CA THR B 248 -4.50 -5.68 -28.51
C THR B 248 -3.78 -4.34 -28.31
N GLU B 249 -4.56 -3.27 -28.27
CA GLU B 249 -4.09 -1.96 -27.85
C GLU B 249 -4.93 -1.55 -26.65
N TYR B 250 -4.25 -1.18 -25.57
CA TYR B 250 -4.91 -0.87 -24.29
C TYR B 250 -4.43 0.50 -23.85
N ILE B 251 -5.33 1.47 -23.84
CA ILE B 251 -5.03 2.86 -23.49
C ILE B 251 -5.41 3.06 -22.03
N PHE B 252 -4.40 3.21 -21.17
CA PHE B 252 -4.58 3.45 -19.74
C PHE B 252 -4.70 4.96 -19.51
N THR B 253 -5.87 5.41 -19.07
CA THR B 253 -6.03 6.84 -18.84
C THR B 253 -6.57 7.11 -17.44
N ASP B 254 -6.25 8.31 -16.95
CA ASP B 254 -6.82 8.86 -15.73
C ASP B 254 -6.85 10.37 -15.88
N ILE B 255 -7.58 11.06 -15.00
CA ILE B 255 -7.55 12.50 -15.16
C ILE B 255 -6.28 13.08 -14.55
N GLY B 256 -5.62 12.33 -13.68
CA GLY B 256 -4.42 12.79 -12.99
C GLY B 256 -3.19 12.09 -13.52
N ALA B 257 -2.16 12.89 -13.83
CA ALA B 257 -0.92 12.35 -14.34
C ALA B 257 -0.18 11.52 -13.30
N LEU B 258 -0.36 11.80 -12.00
CA LEU B 258 0.39 11.02 -11.01
C LEU B 258 -0.01 9.55 -11.08
N PHE B 259 -1.28 9.31 -11.33
CA PHE B 259 -1.79 7.94 -11.46
C PHE B 259 -1.20 7.22 -12.68
N THR B 260 -1.22 7.87 -13.85
CA THR B 260 -0.73 7.18 -15.04
C THR B 260 0.76 6.93 -14.95
N SER B 261 1.47 7.83 -14.25
CA SER B 261 2.89 7.62 -13.98
C SER B 261 3.11 6.41 -13.08
N LYS B 262 2.30 6.25 -12.02
CA LYS B 262 2.52 5.09 -11.16
C LYS B 262 2.17 3.80 -11.88
N ALA B 263 1.08 3.80 -12.68
CA ALA B 263 0.73 2.62 -13.45
C ALA B 263 1.84 2.25 -14.44
N GLN B 264 2.42 3.24 -15.12
CA GLN B 264 3.48 2.96 -16.07
C GLN B 264 4.66 2.23 -15.42
N GLU B 265 5.00 2.57 -14.17
CA GLU B 265 6.03 1.78 -13.50
C GLU B 265 5.50 0.41 -13.10
N LYS B 266 4.24 0.35 -12.67
CA LYS B 266 3.61 -0.93 -12.35
C LYS B 266 3.55 -1.84 -13.57
N PHE B 267 3.19 -1.31 -14.74
CA PHE B 267 2.85 -2.10 -15.92
C PHE B 267 3.91 -2.01 -17.02
N GLN B 268 5.15 -1.72 -16.64
CA GLN B 268 6.25 -1.64 -17.61
C GLN B 268 6.41 -2.95 -18.38
N ASP B 269 5.98 -4.07 -17.80
CA ASP B 269 6.09 -5.40 -18.37
C ASP B 269 5.16 -5.63 -19.57
N TYR B 270 4.18 -4.74 -19.81
CA TYR B 270 3.21 -4.92 -20.90
C TYR B 270 3.45 -3.85 -21.95
N ARG B 271 4.05 -4.24 -23.09
CA ARG B 271 4.43 -3.25 -24.09
C ARG B 271 3.27 -2.83 -25.01
N PHE B 272 2.07 -3.35 -24.83
CA PHE B 272 0.92 -2.92 -25.61
C PHE B 272 0.07 -1.86 -24.90
N LEU B 273 0.55 -1.29 -23.79
CA LEU B 273 -0.20 -0.25 -23.10
C LEU B 273 0.25 1.12 -23.58
N GLY B 274 -0.71 1.97 -23.92
CA GLY B 274 -0.46 3.39 -24.03
C GLY B 274 -1.00 4.10 -22.79
N TYR B 275 -0.45 5.28 -22.50
CA TYR B 275 -0.85 6.09 -21.35
C TYR B 275 -1.23 7.49 -21.80
N GLN B 276 -2.33 8.02 -21.28
CA GLN B 276 -2.77 9.36 -21.66
C GLN B 276 -3.74 9.86 -20.60
N THR B 277 -3.85 11.18 -20.43
CA THR B 277 -4.78 11.72 -19.45
C THR B 277 -6.11 12.08 -20.10
N LEU B 278 -7.20 11.71 -19.44
CA LEU B 278 -8.53 11.95 -19.95
C LEU B 278 -9.45 12.41 -18.82
N ASP B 279 -10.12 13.53 -19.05
CA ASP B 279 -11.17 14.03 -18.17
C ASP B 279 -12.50 13.73 -18.84
N ILE B 280 -13.26 12.79 -18.27
CA ILE B 280 -14.44 12.33 -18.99
C ILE B 280 -15.61 13.31 -18.96
N GLU B 281 -15.51 14.41 -18.19
CA GLU B 281 -16.56 15.42 -18.20
C GLU B 281 -16.45 16.38 -19.37
N VAL B 282 -15.38 16.29 -20.15
CA VAL B 282 -15.12 17.17 -21.28
C VAL B 282 -14.94 16.30 -22.53
N ASP B 283 -15.42 16.80 -23.66
CA ASP B 283 -15.30 16.18 -24.98
C ASP B 283 -13.96 15.47 -25.15
N PRO B 284 -13.94 14.14 -25.25
CA PRO B 284 -12.63 13.44 -25.37
C PRO B 284 -11.92 13.72 -26.70
N SER B 285 -12.64 14.23 -27.70
CA SER B 285 -12.03 14.60 -28.97
C SER B 285 -11.26 15.91 -28.90
N SER B 286 -11.42 16.71 -27.84
CA SER B 286 -10.56 17.86 -27.66
C SER B 286 -9.37 17.52 -26.78
N GLN B 287 -9.22 16.25 -26.42
CA GLN B 287 -8.16 15.78 -25.56
C GLN B 287 -7.29 14.74 -26.25
N GLY B 288 -7.35 14.69 -27.57
CA GLY B 288 -6.50 13.78 -28.33
C GLY B 288 -6.96 12.35 -28.41
N PHE B 289 -8.23 12.06 -28.21
CA PHE B 289 -8.79 10.74 -28.47
C PHE B 289 -9.72 10.83 -29.65
N GLU B 290 -9.67 9.79 -30.49
CA GLU B 290 -10.48 9.70 -31.71
C GLU B 290 -11.90 9.21 -31.41
N SER B 291 -12.88 9.81 -32.07
CA SER B 291 -14.26 9.40 -31.87
C SER B 291 -14.50 8.00 -32.42
N HIS B 292 -15.15 7.17 -31.60
CA HIS B 292 -15.73 5.88 -32.00
C HIS B 292 -14.67 4.87 -32.41
N ARG B 293 -13.49 4.97 -31.82
CA ARG B 293 -12.38 4.13 -32.19
C ARG B 293 -12.23 2.91 -31.29
N TYR B 294 -12.89 2.89 -30.13
CA TYR B 294 -12.61 1.88 -29.12
C TYR B 294 -13.65 0.79 -29.14
N ASP B 295 -13.17 -0.46 -29.12
CA ASP B 295 -14.05 -1.63 -29.03
C ASP B 295 -14.54 -1.87 -27.60
N VAL B 296 -13.74 -1.56 -26.59
CA VAL B 296 -14.08 -1.83 -25.18
C VAL B 296 -13.64 -0.62 -24.36
N ILE B 297 -14.57 -0.07 -23.57
CA ILE B 297 -14.29 0.97 -22.59
C ILE B 297 -14.48 0.38 -21.20
N ILE B 298 -13.49 0.57 -20.32
CA ILE B 298 -13.58 0.13 -18.94
C ILE B 298 -13.64 1.37 -18.08
N ALA B 299 -14.56 1.38 -17.11
CA ALA B 299 -14.69 2.51 -16.18
C ALA B 299 -15.12 1.94 -14.83
N ALA B 300 -14.15 1.66 -13.97
CA ALA B 300 -14.42 1.08 -12.66
C ALA B 300 -14.35 2.21 -11.64
N ASN B 301 -15.50 2.55 -11.06
CA ASN B 301 -15.58 3.46 -9.92
C ASN B 301 -15.07 4.85 -10.29
N VAL B 302 -15.56 5.38 -11.40
CA VAL B 302 -15.15 6.73 -11.79
C VAL B 302 -16.32 7.58 -12.26
N LEU B 303 -17.26 6.99 -13.01
CA LEU B 303 -18.28 7.80 -13.67
C LEU B 303 -19.23 8.51 -12.68
N HIS B 304 -19.47 7.92 -11.52
CA HIS B 304 -20.32 8.58 -10.52
C HIS B 304 -19.74 9.92 -10.09
N ALA B 305 -18.41 10.05 -10.08
CA ALA B 305 -17.72 11.23 -9.56
C ALA B 305 -17.75 12.42 -10.51
N THR B 306 -18.81 12.58 -11.33
CA THR B 306 -18.87 13.66 -12.31
C THR B 306 -20.16 14.45 -12.13
N THR B 307 -20.28 15.56 -12.85
CA THR B 307 -21.34 16.53 -12.62
C THR B 307 -22.68 16.08 -13.19
N SER B 308 -22.68 15.62 -14.45
CA SER B 308 -23.88 15.14 -15.11
C SER B 308 -23.63 13.76 -15.69
N LEU B 309 -24.39 12.76 -15.25
CA LEU B 309 -24.15 11.41 -15.77
C LEU B 309 -24.58 11.31 -17.23
N LYS B 310 -25.59 12.08 -17.65
CA LYS B 310 -25.96 12.05 -19.06
C LYS B 310 -24.87 12.67 -19.93
N GLN B 311 -24.16 13.68 -19.41
CA GLN B 311 -23.03 14.25 -20.14
C GLN B 311 -21.83 13.32 -20.11
N THR B 312 -21.55 12.73 -18.96
CA THR B 312 -20.42 11.79 -18.90
C THR B 312 -20.67 10.60 -19.81
N LEU B 313 -21.84 9.95 -19.67
CA LEU B 313 -22.13 8.78 -20.48
C LEU B 313 -22.15 9.11 -21.95
N SER B 314 -22.54 10.32 -22.33
CA SER B 314 -22.51 10.68 -23.73
C SER B 314 -21.07 10.79 -24.25
N HIS B 315 -20.14 11.27 -23.43
CA HIS B 315 -18.73 11.27 -23.82
C HIS B 315 -18.19 9.85 -23.95
N VAL B 316 -18.63 8.95 -23.06
CA VAL B 316 -18.21 7.55 -23.13
C VAL B 316 -18.73 6.93 -24.43
N ARG B 317 -20.00 7.17 -24.75
CA ARG B 317 -20.58 6.64 -25.98
C ARG B 317 -19.80 7.14 -27.18
N GLN B 318 -19.25 8.35 -27.09
CA GLN B 318 -18.54 8.99 -28.19
C GLN B 318 -17.23 8.29 -28.48
N LEU B 319 -16.65 7.65 -27.47
CA LEU B 319 -15.44 6.88 -27.68
C LEU B 319 -15.69 5.50 -28.26
N LEU B 320 -16.91 4.98 -28.14
CA LEU B 320 -17.15 3.60 -28.47
C LEU B 320 -17.39 3.42 -29.96
N ALA B 321 -16.80 2.37 -30.51
CA ALA B 321 -17.15 1.95 -31.85
C ALA B 321 -18.59 1.44 -31.86
N PRO B 322 -19.24 1.48 -33.02
CA PRO B 322 -20.55 0.84 -33.14
C PRO B 322 -20.50 -0.63 -32.75
N GLY B 323 -21.40 -1.02 -31.85
CA GLY B 323 -21.35 -2.36 -31.29
C GLY B 323 -20.24 -2.58 -30.29
N GLY B 324 -19.50 -1.54 -29.93
CA GLY B 324 -18.54 -1.60 -28.84
C GLY B 324 -19.21 -1.78 -27.47
N ILE B 325 -18.37 -2.07 -26.48
CA ILE B 325 -18.79 -2.60 -25.19
C ILE B 325 -18.30 -1.67 -24.08
N LEU B 326 -19.21 -1.21 -23.23
CA LEU B 326 -18.86 -0.50 -22.00
C LEU B 326 -18.91 -1.48 -20.84
N VAL B 327 -17.80 -1.63 -20.13
CA VAL B 327 -17.77 -2.38 -18.88
C VAL B 327 -17.65 -1.38 -17.73
N LEU B 328 -18.62 -1.43 -16.82
CA LEU B 328 -18.77 -0.41 -15.80
C LEU B 328 -18.82 -1.11 -14.46
N TYR B 329 -18.03 -0.63 -13.51
CA TYR B 329 -17.99 -1.21 -12.16
C TYR B 329 -18.31 -0.09 -11.18
N GLU B 330 -19.42 -0.24 -10.46
CA GLU B 330 -19.98 0.84 -9.65
C GLU B 330 -20.58 0.27 -8.38
N ALA B 331 -20.38 0.98 -7.26
CA ALA B 331 -21.14 0.69 -6.06
C ALA B 331 -22.53 1.29 -6.18
N THR B 332 -23.51 0.61 -5.61
CA THR B 332 -24.91 0.92 -5.86
C THR B 332 -25.72 1.33 -4.64
N THR B 333 -25.13 1.39 -3.44
CA THR B 333 -25.87 1.88 -2.27
C THR B 333 -24.98 2.76 -1.40
N ARG B 334 -25.64 3.56 -0.56
CA ARG B 334 -24.93 4.42 0.38
C ARG B 334 -24.09 3.60 1.35
N SER B 335 -22.88 4.07 1.61
CA SER B 335 -21.99 3.42 2.55
C SER B 335 -21.33 4.50 3.39
N ARG B 336 -21.59 4.47 4.70
CA ARG B 336 -21.10 5.52 5.58
C ARG B 336 -19.59 5.55 5.62
N TRP B 337 -18.93 4.39 5.64
CA TRP B 337 -17.47 4.40 5.66
C TRP B 337 -16.90 4.92 4.35
N VAL B 338 -17.62 4.72 3.23
CA VAL B 338 -17.17 5.26 1.94
C VAL B 338 -17.35 6.77 1.90
N ASP B 339 -18.42 7.28 2.51
CA ASP B 339 -18.61 8.72 2.62
C ASP B 339 -17.45 9.38 3.36
N LEU B 340 -16.80 8.66 4.29
CA LEU B 340 -15.71 9.20 5.09
C LEU B 340 -14.34 9.06 4.43
N ILE B 341 -14.28 8.48 3.23
CA ILE B 341 -13.02 8.41 2.50
C ILE B 341 -13.18 9.19 1.19
N PHE B 342 -13.87 8.58 0.22
CA PHE B 342 -14.09 9.26 -1.06
C PHE B 342 -15.09 10.40 -0.95
N GLY B 343 -15.79 10.52 0.18
CA GLY B 343 -16.73 11.62 0.35
C GLY B 343 -16.09 12.94 0.73
N LEU B 344 -14.84 12.91 1.23
CA LEU B 344 -14.10 14.13 1.49
C LEU B 344 -13.67 14.83 0.21
N LEU B 345 -13.68 14.10 -0.91
CA LEU B 345 -13.16 14.62 -2.16
C LEU B 345 -14.22 15.43 -2.90
N GLU B 346 -13.74 16.36 -3.73
CA GLU B 346 -14.61 17.18 -4.55
C GLU B 346 -15.51 16.33 -5.45
N GLY B 347 -14.96 15.26 -6.02
CA GLY B 347 -15.70 14.48 -7.01
C GLY B 347 -16.95 13.84 -6.45
N TRP B 348 -17.01 13.59 -5.14
CA TRP B 348 -18.16 12.89 -4.59
C TRP B 348 -19.41 13.78 -4.61
N TRP B 349 -19.24 15.09 -4.44
CA TRP B 349 -20.35 16.04 -4.34
C TRP B 349 -20.43 16.92 -5.58
N LYS B 350 -19.82 16.48 -6.68
CA LYS B 350 -19.86 17.28 -7.91
C LYS B 350 -21.26 17.28 -8.51
N PHE B 351 -22.03 16.22 -8.28
CA PHE B 351 -23.23 15.95 -9.05
C PHE B 351 -24.20 17.12 -9.02
N THR B 352 -24.69 17.49 -10.20
CA THR B 352 -25.65 18.57 -10.35
C THR B 352 -26.94 18.13 -11.03
N ASP B 353 -27.04 16.89 -11.51
CA ASP B 353 -28.26 16.38 -12.15
C ASP B 353 -29.22 15.92 -11.06
N TYR B 354 -29.79 16.90 -10.37
CA TYR B 354 -30.57 16.62 -9.17
C TYR B 354 -31.85 15.85 -9.46
N GLU B 355 -32.41 16.01 -10.67
CA GLU B 355 -33.58 15.22 -11.05
C GLU B 355 -33.30 13.74 -10.97
N LEU B 356 -32.05 13.34 -11.20
CA LEU B 356 -31.62 11.95 -11.21
C LEU B 356 -30.85 11.57 -9.94
N ARG B 357 -30.08 12.49 -9.39
CA ARG B 357 -29.24 12.24 -8.21
C ARG B 357 -29.55 13.36 -7.21
N PRO B 358 -30.64 13.22 -6.46
CA PRO B 358 -31.01 14.33 -5.54
C PRO B 358 -29.97 14.63 -4.48
N ASP B 359 -29.36 13.61 -3.83
CA ASP B 359 -28.44 13.90 -2.74
C ASP B 359 -27.32 12.85 -2.58
N TYR B 360 -26.93 12.17 -3.66
CA TYR B 360 -25.87 11.17 -3.54
C TYR B 360 -25.36 10.81 -4.94
N PRO B 361 -24.04 10.73 -5.14
CA PRO B 361 -23.53 10.49 -6.50
C PRO B 361 -23.87 9.14 -7.09
N LEU B 362 -24.24 8.14 -6.29
CA LEU B 362 -24.31 6.77 -6.78
C LEU B 362 -25.72 6.42 -7.23
N LEU B 363 -25.79 5.60 -8.29
CA LEU B 363 -27.01 5.05 -8.84
C LEU B 363 -27.10 3.57 -8.50
N ASN B 364 -28.33 3.04 -8.39
CA ASN B 364 -28.47 1.61 -8.21
C ASN B 364 -28.62 0.94 -9.58
N ARG B 365 -28.76 -0.39 -9.57
CA ARG B 365 -28.86 -1.14 -10.82
C ARG B 365 -30.01 -0.63 -11.69
N GLU B 366 -31.16 -0.34 -11.08
CA GLU B 366 -32.31 0.14 -11.85
C GLU B 366 -32.05 1.51 -12.46
N GLN B 367 -31.38 2.41 -11.72
CA GLN B 367 -31.10 3.73 -12.29
C GLN B 367 -30.00 3.69 -13.34
N TRP B 368 -28.98 2.85 -13.15
CA TRP B 368 -27.94 2.73 -14.16
C TRP B 368 -28.51 2.27 -15.50
N LYS B 369 -29.33 1.20 -15.48
CA LYS B 369 -29.97 0.71 -16.70
C LYS B 369 -30.80 1.80 -17.37
N LYS B 370 -31.50 2.60 -16.57
CA LYS B 370 -32.34 3.63 -17.16
C LYS B 370 -31.48 4.67 -17.88
N VAL B 371 -30.48 5.22 -17.19
CA VAL B 371 -29.72 6.30 -17.80
C VAL B 371 -28.89 5.81 -18.98
N LEU B 372 -28.39 4.57 -18.90
CA LEU B 372 -27.68 4.01 -20.04
C LEU B 372 -28.59 3.91 -21.25
N SER B 373 -29.86 3.52 -21.05
CA SER B 373 -30.72 3.36 -22.21
C SER B 373 -31.04 4.71 -22.84
N GLU B 374 -31.06 5.79 -22.06
CA GLU B 374 -31.32 7.12 -22.57
C GLU B 374 -30.08 7.80 -23.13
N THR B 375 -28.89 7.18 -23.04
CA THR B 375 -27.67 7.78 -23.54
C THR B 375 -27.02 6.97 -24.66
N GLY B 376 -27.80 6.11 -25.32
CA GLY B 376 -27.35 5.40 -26.51
C GLY B 376 -26.78 4.01 -26.28
N PHE B 377 -27.11 3.35 -25.18
CA PHE B 377 -26.67 1.99 -24.93
C PHE B 377 -27.88 1.05 -24.96
N THR B 378 -27.62 -0.21 -25.33
CA THR B 378 -28.61 -1.29 -25.37
C THR B 378 -27.98 -2.55 -24.77
N GLN B 379 -28.75 -3.64 -24.74
CA GLN B 379 -28.25 -4.93 -24.25
C GLN B 379 -27.50 -4.79 -22.93
N VAL B 380 -28.14 -4.10 -21.97
CA VAL B 380 -27.50 -3.77 -20.71
C VAL B 380 -27.63 -4.95 -19.75
N VAL B 381 -26.50 -5.39 -19.21
CA VAL B 381 -26.43 -6.50 -18.26
C VAL B 381 -25.91 -5.96 -16.92
N THR B 382 -26.49 -6.44 -15.83
CA THR B 382 -25.96 -6.14 -14.50
C THR B 382 -25.53 -7.45 -13.86
N LEU B 383 -24.33 -7.45 -13.27
CA LEU B 383 -23.76 -8.67 -12.70
C LEU B 383 -23.15 -8.39 -11.35
N PRO B 384 -23.12 -9.39 -10.45
CA PRO B 384 -23.77 -10.68 -10.63
C PRO B 384 -25.25 -10.62 -10.24
N GLU B 385 -26.07 -11.51 -10.83
CA GLU B 385 -27.48 -11.75 -10.48
C GLU B 385 -27.58 -13.24 -10.21
N VAL B 386 -27.24 -13.65 -8.99
CA VAL B 386 -27.31 -15.05 -8.58
C VAL B 386 -28.27 -15.16 -7.40
N GLU B 387 -28.83 -16.36 -7.21
CA GLU B 387 -29.88 -16.57 -6.22
C GLU B 387 -29.34 -16.49 -4.80
N GLY B 388 -28.46 -17.42 -4.42
CA GLY B 388 -27.95 -17.44 -3.06
C GLY B 388 -26.90 -16.38 -2.78
N MET B 389 -27.07 -15.21 -3.41
CA MET B 389 -26.02 -14.22 -3.48
C MET B 389 -25.88 -13.47 -2.15
N ALA B 390 -24.65 -13.32 -1.68
CA ALA B 390 -24.38 -12.55 -0.48
C ALA B 390 -24.79 -11.09 -0.67
N GLU B 391 -25.31 -10.48 0.40
CA GLU B 391 -25.86 -9.13 0.29
C GLU B 391 -24.81 -8.10 -0.09
N ALA B 392 -23.55 -8.33 0.28
CA ALA B 392 -22.49 -7.43 -0.12
C ALA B 392 -22.34 -7.37 -1.64
N LEU B 393 -22.81 -8.40 -2.37
CA LEU B 393 -22.73 -8.43 -3.82
C LEU B 393 -23.91 -7.75 -4.51
N SER B 394 -24.98 -7.44 -3.80
CA SER B 394 -26.05 -6.64 -4.36
C SER B 394 -25.78 -5.14 -4.23
N GLN B 395 -24.77 -4.77 -3.45
CA GLN B 395 -24.38 -3.38 -3.24
C GLN B 395 -23.33 -2.89 -4.22
N GLN B 396 -22.77 -3.79 -5.04
CA GLN B 396 -21.89 -3.41 -6.12
C GLN B 396 -22.34 -4.10 -7.39
N THR B 397 -21.98 -3.52 -8.53
CA THR B 397 -22.39 -4.10 -9.79
C THR B 397 -21.30 -3.92 -10.85
N VAL B 398 -21.10 -4.96 -11.65
CA VAL B 398 -20.45 -4.85 -12.94
C VAL B 398 -21.56 -4.74 -13.97
N ILE B 399 -21.56 -3.66 -14.75
CA ILE B 399 -22.56 -3.42 -15.77
C ILE B 399 -21.89 -3.52 -17.13
N VAL B 400 -22.51 -4.26 -18.04
CA VAL B 400 -22.04 -4.41 -19.42
C VAL B 400 -23.14 -3.89 -20.32
N ALA B 401 -22.81 -2.92 -21.17
CA ALA B 401 -23.75 -2.33 -22.10
C ALA B 401 -23.08 -2.21 -23.47
N GLN B 402 -23.90 -2.13 -24.52
CA GLN B 402 -23.43 -2.08 -25.89
C GLN B 402 -23.81 -0.76 -26.55
N ALA B 403 -22.85 -0.11 -27.18
CA ALA B 403 -23.16 1.11 -27.92
C ALA B 403 -24.17 0.79 -29.02
N ALA B 404 -25.28 1.51 -29.03
CA ALA B 404 -26.40 1.19 -29.89
C ALA B 404 -26.17 1.67 -31.32
N SER B 405 -26.89 1.04 -32.24
CA SER B 405 -26.83 1.36 -33.66
C SER B 405 -28.20 1.74 -34.20
N SAH C . 13.08 -7.21 0.36
CA SAH C . 11.73 -6.98 0.83
CB SAH C . 11.76 -6.62 2.31
CG SAH C . 10.87 -7.58 3.07
SD SAH C . 10.47 -6.99 4.74
C SAH C . 11.02 -5.88 0.07
O SAH C . 9.79 -5.89 -0.08
OXT SAH C . 11.68 -4.94 -0.41
C5' SAH C . 11.54 -8.26 5.46
C4' SAH C . 11.19 -9.64 4.93
O4' SAH C . 12.06 -10.60 5.49
C3' SAH C . 9.76 -10.06 5.32
O3' SAH C . 8.94 -10.28 4.18
C2' SAH C . 9.97 -11.34 6.10
O2' SAH C . 8.97 -12.29 5.82
C1' SAH C . 11.37 -11.80 5.68
N9 SAH C . 12.03 -12.63 6.69
C8 SAH C . 12.02 -12.43 8.04
N7 SAH C . 12.74 -13.42 8.61
C5 SAH C . 13.20 -14.24 7.64
C6 SAH C . 13.98 -15.38 7.68
N6 SAH C . 14.41 -15.87 8.86
N1 SAH C . 14.30 -16.01 6.51
C2 SAH C . 13.86 -15.52 5.29
N3 SAH C . 13.08 -14.39 5.27
C4 SAH C . 12.77 -13.76 6.42
C1 GOL D . 14.32 -2.91 7.48
O1 GOL D . 13.16 -3.54 8.02
C2 GOL D . 14.45 -1.46 7.95
O2 GOL D . 15.69 -1.37 8.62
C3 GOL D . 14.39 -0.51 6.74
O3 GOL D . 14.88 0.78 7.04
N SAH E . -10.00 2.29 -11.28
CA SAH E . -9.40 2.71 -10.01
CB SAH E . -10.45 2.87 -8.92
CG SAH E . -11.19 4.19 -8.99
SD SAH E . -10.26 5.54 -8.19
C SAH E . -8.35 1.71 -9.53
O SAH E . -7.24 2.08 -9.09
OXT SAH E . -8.59 0.50 -9.57
C5' SAH E . -11.20 6.76 -9.15
C4' SAH E . -10.35 7.41 -10.23
O4' SAH E . -11.15 8.19 -11.08
C3' SAH E . -9.29 8.34 -9.65
O3' SAH E . -8.00 7.92 -9.99
C2' SAH E . -9.57 9.70 -10.27
O2' SAH E . -8.35 10.33 -10.65
C1' SAH E . -10.43 9.33 -11.47
N9 SAH E . -11.27 10.46 -11.92
C8 SAH E . -11.92 11.39 -11.15
N7 SAH E . -12.53 12.26 -11.98
C5 SAH E . -12.30 11.89 -13.26
C6 SAH E . -12.68 12.43 -14.46
N6 SAH E . -13.45 13.51 -14.49
N1 SAH E . -12.25 11.82 -15.62
C2 SAH E . -11.45 10.68 -15.58
N3 SAH E . -11.07 10.16 -14.39
C4 SAH E . -11.49 10.76 -13.24
CAC FLC F . -21.26 2.91 18.58
CA FLC F . -20.38 3.49 19.69
CB FLC F . -21.11 4.37 20.71
CBC FLC F . -20.48 3.97 22.04
CG FLC F . -20.84 5.86 20.49
CGC FLC F . -21.89 6.60 19.63
OA1 FLC F . -21.71 1.73 18.69
OA2 FLC F . -21.53 3.59 17.56
OB1 FLC F . -20.65 4.67 23.06
OB2 FLC F . -19.76 2.93 22.10
OG1 FLC F . -21.83 7.85 19.54
OG2 FLC F . -22.79 5.96 19.02
OHB FLC F . -22.49 4.14 20.71
#